data_404D
# 
_entry.id   404D 
# 
_audit_conform.dict_name       mmcif_pdbx.dic 
_audit_conform.dict_version    5.383 
_audit_conform.dict_location   http://mmcif.pdb.org/dictionaries/ascii/mmcif_pdbx.dic 
# 
loop_
_database_2.database_id 
_database_2.database_code 
_database_2.pdbx_database_accession 
_database_2.pdbx_DOI 
PDB   404D         pdb_0000404d 10.2210/pdb404d/pdb 
NDB   AH0001       ?            ?                   
RCSB  RCSB000265   ?            ?                   
WWPDB D_1000000265 ?            ?                   
# 
loop_
_pdbx_audit_revision_history.ordinal 
_pdbx_audit_revision_history.data_content_type 
_pdbx_audit_revision_history.major_revision 
_pdbx_audit_revision_history.minor_revision 
_pdbx_audit_revision_history.revision_date 
1 'Structure model' 1 0 1998-12-14 
2 'Structure model' 1 1 2008-04-26 
3 'Structure model' 1 2 2011-07-13 
4 'Structure model' 1 3 2018-01-24 
5 'Structure model' 1 4 2023-12-27 
# 
_pdbx_audit_revision_details.ordinal             1 
_pdbx_audit_revision_details.revision_ordinal    1 
_pdbx_audit_revision_details.data_content_type   'Structure model' 
_pdbx_audit_revision_details.provider            repository 
_pdbx_audit_revision_details.type                'Initial release' 
_pdbx_audit_revision_details.description         ? 
_pdbx_audit_revision_details.details             ? 
# 
loop_
_pdbx_audit_revision_group.ordinal 
_pdbx_audit_revision_group.revision_ordinal 
_pdbx_audit_revision_group.data_content_type 
_pdbx_audit_revision_group.group 
1 2 'Structure model' 'Version format compliance' 
2 3 'Structure model' 'Version format compliance' 
3 4 'Structure model' 'Structure summary'         
4 5 'Structure model' 'Data collection'           
5 5 'Structure model' 'Database references'       
# 
loop_
_pdbx_audit_revision_category.ordinal 
_pdbx_audit_revision_category.revision_ordinal 
_pdbx_audit_revision_category.data_content_type 
_pdbx_audit_revision_category.category 
1 4 'Structure model' audit_author   
2 5 'Structure model' chem_comp_atom 
3 5 'Structure model' chem_comp_bond 
4 5 'Structure model' database_2     
# 
loop_
_pdbx_audit_revision_item.ordinal 
_pdbx_audit_revision_item.revision_ordinal 
_pdbx_audit_revision_item.data_content_type 
_pdbx_audit_revision_item.item 
1 5 'Structure model' '_database_2.pdbx_DOI'                
2 5 'Structure model' '_database_2.pdbx_database_accession' 
# 
_pdbx_database_status.status_code                     REL 
_pdbx_database_status.entry_id                        404D 
_pdbx_database_status.recvd_initial_deposition_date   1998-06-12 
_pdbx_database_status.deposit_site                    NDB 
_pdbx_database_status.process_site                    RCSB 
_pdbx_database_status.SG_entry                        . 
_pdbx_database_status.pdb_format_compatible           Y 
_pdbx_database_status.status_code_mr                  ? 
_pdbx_database_status.status_code_sf                  ? 
_pdbx_database_status.status_code_cs                  ? 
_pdbx_database_status.methods_development_category    ? 
_pdbx_database_status.status_code_nmr_data            ? 
# 
loop_
_audit_author.name 
_audit_author.pdbx_ordinal 
_audit_author.identifier_ORCID 
'Conn, G.'      1 ? 
'Brown, T.'     2 ? 
'Leonard, G.A.' 3 ? 
# 
_citation.id                        primary 
_citation.title                     
'The crystal structure of the RNA/DNA hybrid r(GAAGAGAAGC). d(GCTTCTCTTC) shows significant differences to that found in solution.' 
_citation.journal_abbrev            'Nucleic Acids Res.' 
_citation.journal_volume            27 
_citation.page_first                555 
_citation.page_last                 561 
_citation.year                      1999 
_citation.journal_id_ASTM           NARHAD 
_citation.country                   UK 
_citation.journal_id_ISSN           0305-1048 
_citation.journal_id_CSD            0389 
_citation.book_publisher            ? 
_citation.pdbx_database_id_PubMed   9862980 
_citation.pdbx_database_id_DOI      10.1093/nar/27.2.555 
# 
loop_
_citation_author.citation_id 
_citation_author.name 
_citation_author.ordinal 
_citation_author.identifier_ORCID 
primary 'Conn, G.L.'    1 ? 
primary 'Brown, T.'     2 ? 
primary 'Leonard, G.A.' 3 ? 
# 
loop_
_entity.id 
_entity.type 
_entity.src_method 
_entity.pdbx_description 
_entity.formula_weight 
_entity.pdbx_number_of_molecules 
_entity.pdbx_ec 
_entity.pdbx_mutation 
_entity.pdbx_fragment 
_entity.details 
1 polymer syn "5'-R(*GP*AP*AP*GP*AP*GP*AP*AP*GP*C)-3'" 3287.076 1 ? ? ? ? 
2 polymer syn "5'-D(*GP*CP*TP*TP*CP*TP*CP*TP*TP*C)-3'" 2961.940 1 ? ? ? ? 
3 water   nat water                                    18.015   9 ? ? ? ? 
# 
loop_
_entity_poly.entity_id 
_entity_poly.type 
_entity_poly.nstd_linkage 
_entity_poly.nstd_monomer 
_entity_poly.pdbx_seq_one_letter_code 
_entity_poly.pdbx_seq_one_letter_code_can 
_entity_poly.pdbx_strand_id 
_entity_poly.pdbx_target_identifier 
1 polyribonucleotide      no no GAAGAGAAGC                                 GAAGAGAAGC A ? 
2 polydeoxyribonucleotide no no '(DG)(DC)(DT)(DT)(DC)(DT)(DC)(DT)(DT)(DC)' GCTTCTCTTC B ? 
# 
_pdbx_entity_nonpoly.entity_id   3 
_pdbx_entity_nonpoly.name        water 
_pdbx_entity_nonpoly.comp_id     HOH 
# 
loop_
_entity_poly_seq.entity_id 
_entity_poly_seq.num 
_entity_poly_seq.mon_id 
_entity_poly_seq.hetero 
1 1  G  n 
1 2  A  n 
1 3  A  n 
1 4  G  n 
1 5  A  n 
1 6  G  n 
1 7  A  n 
1 8  A  n 
1 9  G  n 
1 10 C  n 
2 1  DG n 
2 2  DC n 
2 3  DT n 
2 4  DT n 
2 5  DC n 
2 6  DT n 
2 7  DC n 
2 8  DT n 
2 9  DT n 
2 10 DC n 
# 
loop_
_chem_comp.id 
_chem_comp.type 
_chem_comp.mon_nstd_flag 
_chem_comp.name 
_chem_comp.pdbx_synonyms 
_chem_comp.formula 
_chem_comp.formula_weight 
A   'RNA linking' y "ADENOSINE-5'-MONOPHOSPHATE"         ? 'C10 H14 N5 O7 P' 347.221 
C   'RNA linking' y "CYTIDINE-5'-MONOPHOSPHATE"          ? 'C9 H14 N3 O8 P'  323.197 
DC  'DNA linking' y "2'-DEOXYCYTIDINE-5'-MONOPHOSPHATE"  ? 'C9 H14 N3 O7 P'  307.197 
DG  'DNA linking' y "2'-DEOXYGUANOSINE-5'-MONOPHOSPHATE" ? 'C10 H14 N5 O7 P' 347.221 
DT  'DNA linking' y "THYMIDINE-5'-MONOPHOSPHATE"         ? 'C10 H15 N2 O8 P' 322.208 
G   'RNA linking' y "GUANOSINE-5'-MONOPHOSPHATE"         ? 'C10 H14 N5 O8 P' 363.221 
HOH non-polymer   . WATER                                ? 'H2 O'            18.015  
# 
loop_
_pdbx_poly_seq_scheme.asym_id 
_pdbx_poly_seq_scheme.entity_id 
_pdbx_poly_seq_scheme.seq_id 
_pdbx_poly_seq_scheme.mon_id 
_pdbx_poly_seq_scheme.ndb_seq_num 
_pdbx_poly_seq_scheme.pdb_seq_num 
_pdbx_poly_seq_scheme.auth_seq_num 
_pdbx_poly_seq_scheme.pdb_mon_id 
_pdbx_poly_seq_scheme.auth_mon_id 
_pdbx_poly_seq_scheme.pdb_strand_id 
_pdbx_poly_seq_scheme.pdb_ins_code 
_pdbx_poly_seq_scheme.hetero 
A 1 1  G  1  1  1  G  G A . n 
A 1 2  A  2  2  2  A  A A . n 
A 1 3  A  3  3  3  A  A A . n 
A 1 4  G  4  4  4  G  G A . n 
A 1 5  A  5  5  5  A  A A . n 
A 1 6  G  6  6  6  G  G A . n 
A 1 7  A  7  7  7  A  A A . n 
A 1 8  A  8  8  8  A  A A . n 
A 1 9  G  9  9  9  G  G A . n 
A 1 10 C  10 10 10 C  C A . n 
B 2 1  DG 1  11 11 DG G B . n 
B 2 2  DC 2  12 12 DC C B . n 
B 2 3  DT 3  13 13 DT T B . n 
B 2 4  DT 4  14 14 DT T B . n 
B 2 5  DC 5  15 15 DC C B . n 
B 2 6  DT 6  16 16 DT T B . n 
B 2 7  DC 7  17 17 DC C B . n 
B 2 8  DT 8  18 18 DT T B . n 
B 2 9  DT 9  19 19 DT T B . n 
B 2 10 DC 10 20 20 DC C B . n 
# 
loop_
_pdbx_nonpoly_scheme.asym_id 
_pdbx_nonpoly_scheme.entity_id 
_pdbx_nonpoly_scheme.mon_id 
_pdbx_nonpoly_scheme.ndb_seq_num 
_pdbx_nonpoly_scheme.pdb_seq_num 
_pdbx_nonpoly_scheme.auth_seq_num 
_pdbx_nonpoly_scheme.pdb_mon_id 
_pdbx_nonpoly_scheme.auth_mon_id 
_pdbx_nonpoly_scheme.pdb_strand_id 
_pdbx_nonpoly_scheme.pdb_ins_code 
C 3 HOH 1 23 23 HOH HOH A . 
C 3 HOH 2 24 24 HOH HOH A . 
C 3 HOH 3 25 25 HOH HOH A . 
C 3 HOH 4 27 27 HOH HOH A . 
C 3 HOH 5 29 29 HOH HOH A . 
D 3 HOH 1 21 21 HOH HOH B . 
D 3 HOH 2 22 22 HOH HOH B . 
D 3 HOH 3 26 26 HOH HOH B . 
D 3 HOH 4 28 28 HOH HOH B . 
# 
loop_
_software.name 
_software.classification 
_software.version 
_software.citation_id 
_software.pdbx_ordinal 
DENZO     'data reduction' . ? 1 
SCALEPACK 'data scaling'   . ? 2 
REFMAC    refinement       . ? 3 
# 
_cell.entry_id           404D 
_cell.length_a           25.720 
_cell.length_b           45.550 
_cell.length_c           47.810 
_cell.angle_alpha        90.00 
_cell.angle_beta         90.00 
_cell.angle_gamma        90.00 
_cell.Z_PDB              4 
_cell.pdbx_unique_axis   ? 
# 
_symmetry.entry_id                         404D 
_symmetry.space_group_name_H-M             'P 21 21 21' 
_symmetry.pdbx_full_space_group_name_H-M   ? 
_symmetry.cell_setting                     orthorhombic 
_symmetry.Int_Tables_number                19 
# 
_exptl.entry_id          404D 
_exptl.method            'X-RAY DIFFRACTION' 
_exptl.crystals_number   1 
# 
_exptl_crystal.id                    1 
_exptl_crystal.density_meas          ? 
_exptl_crystal.density_percent_sol   44.41 
_exptl_crystal.density_Matthews      2.21 
_exptl_crystal.description           ? 
# 
_exptl_crystal_grow.crystal_id      1 
_exptl_crystal_grow.method          'VAPOR DIFFUSION' 
_exptl_crystal_grow.temp            293.00 
_exptl_crystal_grow.temp_details    ? 
_exptl_crystal_grow.pH              7.00 
_exptl_crystal_grow.pdbx_details    'pH 7.00, VAPOR DIFFUSION, temperature 293.00K' 
_exptl_crystal_grow.pdbx_pH_range   . 
# 
loop_
_exptl_crystal_grow_comp.crystal_id 
_exptl_crystal_grow_comp.id 
_exptl_crystal_grow_comp.sol_id 
_exptl_crystal_grow_comp.name 
_exptl_crystal_grow_comp.volume 
_exptl_crystal_grow_comp.conc 
_exptl_crystal_grow_comp.details 
1 1 1 HEPES              ? ? ? 
1 2 1 PEG4000            ? ? ? 
1 3 1 'AMMONIUM ACETATE' ? ? ? 
1 4 1 MGCL2              ? ? ? 
1 5 2 HEPES              ? ? ? 
1 6 2 PEG4000            ? ? ? 
1 7 2 'AMMONIUM ACETATE' ? ? ? 
1 8 2 MGCL2              ? ? ? 
# 
_diffrn.id                     1 
_diffrn.ambient_temp           293.00 
_diffrn.ambient_temp_details   ? 
_diffrn.crystal_id             1 
# 
_diffrn_detector.diffrn_id              1 
_diffrn_detector.detector               CCD 
_diffrn_detector.type                   'PRINCETON 2K' 
_diffrn_detector.pdbx_collection_date   ? 
_diffrn_detector.details                ? 
# 
_diffrn_radiation.diffrn_id                        1 
_diffrn_radiation.wavelength_id                    1 
_diffrn_radiation.pdbx_monochromatic_or_laue_m_l   M 
_diffrn_radiation.monochromator                    ? 
_diffrn_radiation.pdbx_diffrn_protocol             'SINGLE WAVELENGTH' 
_diffrn_radiation.pdbx_scattering_type             x-ray 
# 
_diffrn_radiation_wavelength.id           1 
_diffrn_radiation_wavelength.wavelength   . 
_diffrn_radiation_wavelength.wt           1.0 
# 
_diffrn_source.diffrn_id                   1 
_diffrn_source.source                      SYNCHROTRON 
_diffrn_source.type                        'ESRF BEAMLINE BM14' 
_diffrn_source.pdbx_synchrotron_site       ESRF 
_diffrn_source.pdbx_synchrotron_beamline   BM14 
_diffrn_source.pdbx_wavelength             ? 
_diffrn_source.pdbx_wavelength_list        ? 
# 
_reflns.entry_id                     404D 
_reflns.observed_criterion_sigma_I   0.000 
_reflns.observed_criterion_sigma_F   0.000 
_reflns.d_resolution_low             30.000 
_reflns.d_resolution_high            2.500 
_reflns.number_obs                   1881 
_reflns.number_all                   1881 
_reflns.percent_possible_obs         86.600 
_reflns.pdbx_Rmerge_I_obs            0.056 
_reflns.pdbx_Rsym_value              ? 
_reflns.pdbx_netI_over_sigmaI        ? 
_reflns.B_iso_Wilson_estimate        ? 
_reflns.pdbx_redundancy              4.060 
_reflns.R_free_details               ? 
_reflns.pdbx_diffrn_id               1 
_reflns.pdbx_ordinal                 1 
# 
_refine.entry_id                                 404D 
_refine.ls_number_reflns_obs                     1867 
_refine.ls_number_reflns_all                     1867 
_refine.pdbx_ls_sigma_I                          0.000 
_refine.pdbx_ls_sigma_F                          0.000 
_refine.pdbx_data_cutoff_high_absF               ? 
_refine.pdbx_data_cutoff_low_absF                ? 
_refine.pdbx_data_cutoff_high_rms_absF           ? 
_refine.ls_d_res_low                             20.000 
_refine.ls_d_res_high                            2.500 
_refine.ls_percent_reflns_obs                    86.600 
_refine.ls_R_factor_obs                          0.181 
_refine.ls_R_factor_all                          0.181 
_refine.ls_R_factor_R_work                       0.184 
_refine.ls_R_factor_R_free                       ? 
_refine.ls_R_factor_R_free_error                 ? 
_refine.ls_R_factor_R_free_error_details         ? 
_refine.ls_percent_reflns_R_free                 ? 
_refine.ls_number_reflns_R_free                  ? 
_refine.ls_number_parameters                     ? 
_refine.ls_number_restraints                     ? 
_refine.occupancy_min                            ? 
_refine.occupancy_max                            ? 
_refine.B_iso_mean                               ? 
_refine.aniso_B[1][1]                            ? 
_refine.aniso_B[2][2]                            ? 
_refine.aniso_B[3][3]                            ? 
_refine.aniso_B[1][2]                            ? 
_refine.aniso_B[1][3]                            ? 
_refine.aniso_B[2][3]                            ? 
_refine.solvent_model_details                    ? 
_refine.solvent_model_param_ksol                 ? 
_refine.solvent_model_param_bsol                 ? 
_refine.pdbx_ls_cross_valid_method               ? 
_refine.details                                  ? 
_refine.pdbx_starting_model                      ? 
_refine.pdbx_method_to_determine_struct          ? 
_refine.pdbx_isotropic_thermal_model             ? 
_refine.pdbx_stereochemistry_target_values       ? 
_refine.pdbx_stereochem_target_val_spec_case     ? 
_refine.pdbx_R_Free_selection_details            ? 
_refine.pdbx_overall_ESU_R                       ? 
_refine.pdbx_overall_ESU_R_Free                  ? 
_refine.overall_SU_ML                            ? 
_refine.overall_SU_B                             ? 
_refine.ls_redundancy_reflns_obs                 ? 
_refine.correlation_coeff_Fo_to_Fc               ? 
_refine.correlation_coeff_Fo_to_Fc_free          ? 
_refine.pdbx_solvent_vdw_probe_radii             ? 
_refine.pdbx_solvent_ion_probe_radii             ? 
_refine.pdbx_solvent_shrinkage_radii             ? 
_refine.overall_SU_R_Cruickshank_DPI             ? 
_refine.overall_SU_R_free                        ? 
_refine.pdbx_refine_id                           'X-RAY DIFFRACTION' 
_refine.pdbx_diffrn_id                           1 
_refine.pdbx_TLS_residual_ADP_flag               ? 
_refine.pdbx_overall_phase_error                 ? 
_refine.pdbx_overall_SU_R_free_Cruickshank_DPI   ? 
_refine.pdbx_overall_SU_R_Blow_DPI               ? 
_refine.pdbx_overall_SU_R_free_Blow_DPI          ? 
# 
_refine_hist.pdbx_refine_id                   'X-RAY DIFFRACTION' 
_refine_hist.cycle_id                         LAST 
_refine_hist.pdbx_number_atoms_protein        0 
_refine_hist.pdbx_number_atoms_nucleic_acid   414 
_refine_hist.pdbx_number_atoms_ligand         0 
_refine_hist.number_atoms_solvent             9 
_refine_hist.number_atoms_total               423 
_refine_hist.d_res_high                       2.500 
_refine_hist.d_res_low                        20.000 
# 
_struct.entry_id                  404D 
_struct.title                     'CRYSTAL STRUCTURE OF THE RNA/DNA HYBRID R(GAAGAGAAGC). D(GCTTCTCTTC)' 
_struct.pdbx_model_details        ? 
_struct.pdbx_CASP_flag            ? 
_struct.pdbx_model_type_details   ? 
# 
_struct_keywords.entry_id        404D 
_struct_keywords.pdbx_keywords   'DNA-RNA HYBRID' 
_struct_keywords.text            'RNA/DNA HYBRID R(GAAGAGAAGC).D(GCTTCTCTTC), DNA-RNA COMPLEX, DNA-RNA HYBRID' 
# 
loop_
_struct_asym.id 
_struct_asym.pdbx_blank_PDB_chainid_flag 
_struct_asym.pdbx_modified 
_struct_asym.entity_id 
_struct_asym.details 
A N N 1 ? 
B N N 2 ? 
C N N 3 ? 
D N N 3 ? 
# 
loop_
_struct_ref.id 
_struct_ref.entity_id 
_struct_ref.db_name 
_struct_ref.db_code 
_struct_ref.pdbx_db_accession 
_struct_ref.pdbx_db_isoform 
_struct_ref.pdbx_seq_one_letter_code 
_struct_ref.pdbx_align_begin 
1 1 PDB 404D 404D ? ? ? 
2 2 PDB 404D 404D ? ? ? 
# 
loop_
_struct_ref_seq.align_id 
_struct_ref_seq.ref_id 
_struct_ref_seq.pdbx_PDB_id_code 
_struct_ref_seq.pdbx_strand_id 
_struct_ref_seq.seq_align_beg 
_struct_ref_seq.pdbx_seq_align_beg_ins_code 
_struct_ref_seq.seq_align_end 
_struct_ref_seq.pdbx_seq_align_end_ins_code 
_struct_ref_seq.pdbx_db_accession 
_struct_ref_seq.db_align_beg 
_struct_ref_seq.pdbx_db_align_beg_ins_code 
_struct_ref_seq.db_align_end 
_struct_ref_seq.pdbx_db_align_end_ins_code 
_struct_ref_seq.pdbx_auth_seq_align_beg 
_struct_ref_seq.pdbx_auth_seq_align_end 
1 1 404D A 1 ? 10 ? 404D 1  ? 10 ? 1  10 
2 2 404D B 1 ? 10 ? 404D 11 ? 20 ? 11 20 
# 
_pdbx_struct_assembly.id                   1 
_pdbx_struct_assembly.details              author_defined_assembly 
_pdbx_struct_assembly.method_details       ? 
_pdbx_struct_assembly.oligomeric_details   dimeric 
_pdbx_struct_assembly.oligomeric_count     2 
# 
_pdbx_struct_assembly_gen.assembly_id       1 
_pdbx_struct_assembly_gen.oper_expression   1 
_pdbx_struct_assembly_gen.asym_id_list      A,B,C,D 
# 
_pdbx_struct_oper_list.id                   1 
_pdbx_struct_oper_list.type                 'identity operation' 
_pdbx_struct_oper_list.name                 1_555 
_pdbx_struct_oper_list.symmetry_operation   x,y,z 
_pdbx_struct_oper_list.matrix[1][1]         1.0000000000 
_pdbx_struct_oper_list.matrix[1][2]         0.0000000000 
_pdbx_struct_oper_list.matrix[1][3]         0.0000000000 
_pdbx_struct_oper_list.vector[1]            0.0000000000 
_pdbx_struct_oper_list.matrix[2][1]         0.0000000000 
_pdbx_struct_oper_list.matrix[2][2]         1.0000000000 
_pdbx_struct_oper_list.matrix[2][3]         0.0000000000 
_pdbx_struct_oper_list.vector[2]            0.0000000000 
_pdbx_struct_oper_list.matrix[3][1]         0.0000000000 
_pdbx_struct_oper_list.matrix[3][2]         0.0000000000 
_pdbx_struct_oper_list.matrix[3][3]         1.0000000000 
_pdbx_struct_oper_list.vector[3]            0.0000000000 
# 
loop_
_struct_conn.id 
_struct_conn.conn_type_id 
_struct_conn.pdbx_leaving_atom_flag 
_struct_conn.pdbx_PDB_id 
_struct_conn.ptnr1_label_asym_id 
_struct_conn.ptnr1_label_comp_id 
_struct_conn.ptnr1_label_seq_id 
_struct_conn.ptnr1_label_atom_id 
_struct_conn.pdbx_ptnr1_label_alt_id 
_struct_conn.pdbx_ptnr1_PDB_ins_code 
_struct_conn.pdbx_ptnr1_standard_comp_id 
_struct_conn.ptnr1_symmetry 
_struct_conn.ptnr2_label_asym_id 
_struct_conn.ptnr2_label_comp_id 
_struct_conn.ptnr2_label_seq_id 
_struct_conn.ptnr2_label_atom_id 
_struct_conn.pdbx_ptnr2_label_alt_id 
_struct_conn.pdbx_ptnr2_PDB_ins_code 
_struct_conn.ptnr1_auth_asym_id 
_struct_conn.ptnr1_auth_comp_id 
_struct_conn.ptnr1_auth_seq_id 
_struct_conn.ptnr2_auth_asym_id 
_struct_conn.ptnr2_auth_comp_id 
_struct_conn.ptnr2_auth_seq_id 
_struct_conn.ptnr2_symmetry 
_struct_conn.pdbx_ptnr3_label_atom_id 
_struct_conn.pdbx_ptnr3_label_seq_id 
_struct_conn.pdbx_ptnr3_label_comp_id 
_struct_conn.pdbx_ptnr3_label_asym_id 
_struct_conn.pdbx_ptnr3_label_alt_id 
_struct_conn.pdbx_ptnr3_PDB_ins_code 
_struct_conn.details 
_struct_conn.pdbx_dist_value 
_struct_conn.pdbx_value_order 
_struct_conn.pdbx_role 
hydrog1  hydrog ? ? A G 1  N1 ? ? ? 1_555 B DC 10 N3 ? ? A G 1  B DC 20 1_555 ? ? ? ? ? ? WATSON-CRICK ? ? ? 
hydrog2  hydrog ? ? A G 1  N2 ? ? ? 1_555 B DC 10 O2 ? ? A G 1  B DC 20 1_555 ? ? ? ? ? ? WATSON-CRICK ? ? ? 
hydrog3  hydrog ? ? A G 1  O6 ? ? ? 1_555 B DC 10 N4 ? ? A G 1  B DC 20 1_555 ? ? ? ? ? ? WATSON-CRICK ? ? ? 
hydrog4  hydrog ? ? A A 2  N1 ? ? ? 1_555 B DT 9  N3 ? ? A A 2  B DT 19 1_555 ? ? ? ? ? ? WATSON-CRICK ? ? ? 
hydrog5  hydrog ? ? A A 2  N6 ? ? ? 1_555 B DT 9  O4 ? ? A A 2  B DT 19 1_555 ? ? ? ? ? ? WATSON-CRICK ? ? ? 
hydrog6  hydrog ? ? A A 3  N1 ? ? ? 1_555 B DT 8  N3 ? ? A A 3  B DT 18 1_555 ? ? ? ? ? ? WATSON-CRICK ? ? ? 
hydrog7  hydrog ? ? A A 3  N6 ? ? ? 1_555 B DT 8  O4 ? ? A A 3  B DT 18 1_555 ? ? ? ? ? ? WATSON-CRICK ? ? ? 
hydrog8  hydrog ? ? A G 4  N1 ? ? ? 1_555 B DC 7  N3 ? ? A G 4  B DC 17 1_555 ? ? ? ? ? ? WATSON-CRICK ? ? ? 
hydrog9  hydrog ? ? A G 4  N2 ? ? ? 1_555 B DC 7  O2 ? ? A G 4  B DC 17 1_555 ? ? ? ? ? ? WATSON-CRICK ? ? ? 
hydrog10 hydrog ? ? A G 4  O6 ? ? ? 1_555 B DC 7  N4 ? ? A G 4  B DC 17 1_555 ? ? ? ? ? ? WATSON-CRICK ? ? ? 
hydrog11 hydrog ? ? A A 5  N1 ? ? ? 1_555 B DT 6  N3 ? ? A A 5  B DT 16 1_555 ? ? ? ? ? ? WATSON-CRICK ? ? ? 
hydrog12 hydrog ? ? A A 5  N6 ? ? ? 1_555 B DT 6  O4 ? ? A A 5  B DT 16 1_555 ? ? ? ? ? ? WATSON-CRICK ? ? ? 
hydrog13 hydrog ? ? A G 6  N1 ? ? ? 1_555 B DC 5  N3 ? ? A G 6  B DC 15 1_555 ? ? ? ? ? ? WATSON-CRICK ? ? ? 
hydrog14 hydrog ? ? A G 6  N2 ? ? ? 1_555 B DC 5  O2 ? ? A G 6  B DC 15 1_555 ? ? ? ? ? ? WATSON-CRICK ? ? ? 
hydrog15 hydrog ? ? A G 6  O6 ? ? ? 1_555 B DC 5  N4 ? ? A G 6  B DC 15 1_555 ? ? ? ? ? ? WATSON-CRICK ? ? ? 
hydrog16 hydrog ? ? A A 7  N1 ? ? ? 1_555 B DT 4  N3 ? ? A A 7  B DT 14 1_555 ? ? ? ? ? ? WATSON-CRICK ? ? ? 
hydrog17 hydrog ? ? A A 7  N6 ? ? ? 1_555 B DT 4  O4 ? ? A A 7  B DT 14 1_555 ? ? ? ? ? ? WATSON-CRICK ? ? ? 
hydrog18 hydrog ? ? A A 8  N1 ? ? ? 1_555 B DT 3  N3 ? ? A A 8  B DT 13 1_555 ? ? ? ? ? ? WATSON-CRICK ? ? ? 
hydrog19 hydrog ? ? A A 8  N6 ? ? ? 1_555 B DT 3  O4 ? ? A A 8  B DT 13 1_555 ? ? ? ? ? ? WATSON-CRICK ? ? ? 
hydrog20 hydrog ? ? A G 9  N1 ? ? ? 1_555 B DC 2  N3 ? ? A G 9  B DC 12 1_555 ? ? ? ? ? ? WATSON-CRICK ? ? ? 
hydrog21 hydrog ? ? A G 9  N2 ? ? ? 1_555 B DC 2  O2 ? ? A G 9  B DC 12 1_555 ? ? ? ? ? ? WATSON-CRICK ? ? ? 
hydrog22 hydrog ? ? A G 9  O6 ? ? ? 1_555 B DC 2  N4 ? ? A G 9  B DC 12 1_555 ? ? ? ? ? ? WATSON-CRICK ? ? ? 
hydrog23 hydrog ? ? A C 10 N3 ? ? ? 1_555 B DG 1  N1 ? ? A C 10 B DG 11 1_555 ? ? ? ? ? ? WATSON-CRICK ? ? ? 
hydrog24 hydrog ? ? A C 10 N4 ? ? ? 1_555 B DG 1  O6 ? ? A C 10 B DG 11 1_555 ? ? ? ? ? ? WATSON-CRICK ? ? ? 
hydrog25 hydrog ? ? A C 10 O2 ? ? ? 1_555 B DG 1  N2 ? ? A C 10 B DG 11 1_555 ? ? ? ? ? ? WATSON-CRICK ? ? ? 
# 
_struct_conn_type.id          hydrog 
_struct_conn_type.criteria    ? 
_struct_conn_type.reference   ? 
# 
loop_
_pdbx_validate_rmsd_bond.id 
_pdbx_validate_rmsd_bond.PDB_model_num 
_pdbx_validate_rmsd_bond.auth_atom_id_1 
_pdbx_validate_rmsd_bond.auth_asym_id_1 
_pdbx_validate_rmsd_bond.auth_comp_id_1 
_pdbx_validate_rmsd_bond.auth_seq_id_1 
_pdbx_validate_rmsd_bond.PDB_ins_code_1 
_pdbx_validate_rmsd_bond.label_alt_id_1 
_pdbx_validate_rmsd_bond.auth_atom_id_2 
_pdbx_validate_rmsd_bond.auth_asym_id_2 
_pdbx_validate_rmsd_bond.auth_comp_id_2 
_pdbx_validate_rmsd_bond.auth_seq_id_2 
_pdbx_validate_rmsd_bond.PDB_ins_code_2 
_pdbx_validate_rmsd_bond.label_alt_id_2 
_pdbx_validate_rmsd_bond.bond_value 
_pdbx_validate_rmsd_bond.bond_target_value 
_pdbx_validate_rmsd_bond.bond_deviation 
_pdbx_validate_rmsd_bond.bond_standard_deviation 
_pdbx_validate_rmsd_bond.linker_flag 
1 1 C5 B DC 17 ? ? C6 B DC 17 ? ? 1.389 1.339 0.050  0.008 N 
2 1 C6 B DT 19 ? ? N1 B DT 19 ? ? 1.335 1.378 -0.043 0.007 N 
# 
loop_
_pdbx_validate_rmsd_angle.id 
_pdbx_validate_rmsd_angle.PDB_model_num 
_pdbx_validate_rmsd_angle.auth_atom_id_1 
_pdbx_validate_rmsd_angle.auth_asym_id_1 
_pdbx_validate_rmsd_angle.auth_comp_id_1 
_pdbx_validate_rmsd_angle.auth_seq_id_1 
_pdbx_validate_rmsd_angle.PDB_ins_code_1 
_pdbx_validate_rmsd_angle.label_alt_id_1 
_pdbx_validate_rmsd_angle.auth_atom_id_2 
_pdbx_validate_rmsd_angle.auth_asym_id_2 
_pdbx_validate_rmsd_angle.auth_comp_id_2 
_pdbx_validate_rmsd_angle.auth_seq_id_2 
_pdbx_validate_rmsd_angle.PDB_ins_code_2 
_pdbx_validate_rmsd_angle.label_alt_id_2 
_pdbx_validate_rmsd_angle.auth_atom_id_3 
_pdbx_validate_rmsd_angle.auth_asym_id_3 
_pdbx_validate_rmsd_angle.auth_comp_id_3 
_pdbx_validate_rmsd_angle.auth_seq_id_3 
_pdbx_validate_rmsd_angle.PDB_ins_code_3 
_pdbx_validate_rmsd_angle.label_alt_id_3 
_pdbx_validate_rmsd_angle.angle_value 
_pdbx_validate_rmsd_angle.angle_target_value 
_pdbx_validate_rmsd_angle.angle_deviation 
_pdbx_validate_rmsd_angle.angle_standard_deviation 
_pdbx_validate_rmsd_angle.linker_flag 
1  1 "O5'" A G  1  ? ? "C5'" A G  1  ? ? "C4'" A G  1  ? ? 103.35 109.40 -6.05 0.80 N 
2  1 C2    A G  1  ? ? N3    A G  1  ? ? C4    A G  1  ? ? 115.16 111.90 3.26  0.50 N 
3  1 C6    A A  3  ? ? N1    A A  3  ? ? C2    A A  3  ? ? 124.17 118.60 5.57  0.60 N 
4  1 C5    A A  3  ? ? C6    A A  3  ? ? N1    A A  3  ? ? 113.75 117.70 -3.95 0.50 N 
5  1 N3    A A  3  ? ? C4    A A  3  ? ? N9    A A  3  ? ? 122.37 127.40 -5.03 0.80 N 
6  1 "C3'" A A  3  ? ? "O3'" A A  3  ? ? P     A G  4  ? ? 129.02 119.70 9.32  1.20 Y 
7  1 "O5'" A G  4  ? ? "C5'" A G  4  ? ? "C4'" A G  4  ? ? 100.05 109.40 -9.35 0.80 N 
8  1 "C3'" A G  4  ? ? "C2'" A G  4  ? ? "C1'" A G  4  ? ? 96.00  101.30 -5.30 0.70 N 
9  1 C6    A G  4  ? ? N1    A G  4  ? ? C2    A G  4  ? ? 128.80 125.10 3.70  0.60 N 
10 1 N1    A G  4  ? ? C2    A G  4  ? ? N3    A G  4  ? ? 119.86 123.90 -4.04 0.60 N 
11 1 "O4'" A A  5  ? ? "C4'" A A  5  ? ? "C3'" A A  5  ? ? 97.63  104.00 -6.37 1.00 N 
12 1 "C5'" A A  5  ? ? "C4'" A A  5  ? ? "O4'" A A  5  ? ? 115.33 109.80 5.53  0.90 N 
13 1 "C3'" A A  5  ? ? "C2'" A A  5  ? ? "C1'" A A  5  ? ? 95.97  101.30 -5.33 0.70 N 
14 1 "O4'" A A  5  ? ? "C1'" A A  5  ? ? N9    A A  5  ? ? 100.76 108.20 -7.44 0.80 N 
15 1 N1    A A  5  ? ? C2    A A  5  ? ? N3    A A  5  ? ? 125.92 129.30 -3.38 0.50 N 
16 1 "O5'" A G  6  ? ? "C5'" A G  6  ? ? "C4'" A G  6  ? ? 102.66 109.40 -6.74 0.80 N 
17 1 P     A G  6  ? ? "O5'" A G  6  ? ? "C5'" A G  6  ? ? 111.02 120.90 -9.88 1.60 N 
18 1 "C5'" A G  6  ? ? "C4'" A G  6  ? ? "C3'" A G  6  ? ? 106.47 115.20 -8.73 1.40 N 
19 1 "C3'" A G  6  ? ? "C2'" A G  6  ? ? "C1'" A G  6  ? ? 96.80  101.30 -4.50 0.70 N 
20 1 "O4'" A G  6  ? ? "C1'" A G  6  ? ? N9    A G  6  ? ? 113.94 108.50 5.44  0.70 N 
21 1 C8    A G  6  ? ? N9    A G  6  ? ? "C1'" A G  6  ? ? 135.88 127.00 8.88  1.30 N 
22 1 "O5'" A A  8  ? ? "C5'" A A  8  ? ? "C4'" A A  8  ? ? 100.63 109.40 -8.77 0.80 N 
23 1 C6    A A  8  ? ? N1    A A  8  ? ? C2    A A  8  ? ? 122.32 118.60 3.72  0.60 N 
24 1 N1    A A  8  ? ? C2    A A  8  ? ? N3    A A  8  ? ? 125.69 129.30 -3.61 0.50 N 
25 1 N7    A A  8  ? ? C8    A A  8  ? ? N9    A A  8  ? ? 110.16 113.80 -3.64 0.50 N 
26 1 C8    A A  8  ? ? N9    A A  8  ? ? C4    A A  8  ? ? 109.43 105.80 3.63  0.40 N 
27 1 "O5'" A G  9  ? ? "C5'" A G  9  ? ? "C4'" A G  9  ? ? 104.43 109.40 -4.97 0.80 N 
28 1 N3    A C  10 ? ? C4    A C  10 ? ? N4    A C  10 ? ? 113.46 118.00 -4.54 0.70 N 
29 1 "O4'" B DG 11 ? ? "C4'" B DG 11 ? ? "C3'" B DG 11 ? ? 97.47  104.50 -7.03 0.40 N 
30 1 "C3'" B DG 11 ? ? "C2'" B DG 11 ? ? "C1'" B DG 11 ? ? 96.60  102.40 -5.80 0.80 N 
31 1 "O4'" B DC 12 ? ? "C4'" B DC 12 ? ? "C3'" B DC 12 ? ? 98.60  104.50 -5.90 0.40 N 
32 1 "C3'" B DC 12 ? ? "C2'" B DC 12 ? ? "C1'" B DC 12 ? ? 93.21  102.40 -9.19 0.80 N 
33 1 C2    B DC 12 ? ? N3    B DC 12 ? ? C4    B DC 12 ? ? 123.26 119.90 3.36  0.50 N 
34 1 "C3'" B DC 12 ? ? "O3'" B DC 12 ? ? P     B DT 13 ? ? 128.16 119.70 8.46  1.20 Y 
35 1 "O4'" B DT 13 ? ? "C4'" B DT 13 ? ? "C3'" B DT 13 ? ? 97.21  104.50 -7.29 0.40 N 
36 1 "C3'" B DT 13 ? ? "C2'" B DT 13 ? ? "C1'" B DT 13 ? ? 96.35  102.40 -6.05 0.80 N 
37 1 C5    B DT 13 ? ? C6    B DT 13 ? ? N1    B DT 13 ? ? 118.86 123.70 -4.84 0.60 N 
38 1 N3    B DT 13 ? ? C4    B DT 13 ? ? O4    B DT 13 ? ? 114.63 119.90 -5.27 0.60 N 
39 1 C5    B DT 13 ? ? C4    B DT 13 ? ? O4    B DT 13 ? ? 130.85 124.90 5.95  0.70 N 
40 1 "C3'" B DT 13 ? ? "O3'" B DT 13 ? ? P     B DT 14 ? ? 126.90 119.70 7.20  1.20 Y 
41 1 "O4'" B DT 14 ? ? "C4'" B DT 14 ? ? "C3'" B DT 14 ? ? 100.72 104.50 -3.78 0.40 N 
42 1 "O4'" B DT 14 ? ? "C1'" B DT 14 ? ? N1    B DT 14 ? ? 103.59 108.00 -4.41 0.70 N 
43 1 C5    B DT 14 ? ? C6    B DT 14 ? ? N1    B DT 14 ? ? 120.01 123.70 -3.69 0.60 N 
44 1 "O4'" B DC 15 ? ? "C4'" B DC 15 ? ? "C3'" B DC 15 ? ? 96.98  104.50 -7.52 0.40 N 
45 1 "C3'" B DC 15 ? ? "C2'" B DC 15 ? ? "C1'" B DC 15 ? ? 96.83  102.40 -5.57 0.80 N 
46 1 "O4'" B DT 16 ? ? "C4'" B DT 16 ? ? "C3'" B DT 16 ? ? 96.47  104.50 -8.03 0.40 N 
47 1 "C3'" B DT 16 ? ? "C2'" B DT 16 ? ? "C1'" B DT 16 ? ? 96.30  102.40 -6.10 0.80 N 
48 1 C6    B DT 16 ? ? C5    B DT 16 ? ? C7    B DT 16 ? ? 117.68 122.90 -5.22 0.60 N 
49 1 "O4'" B DC 17 ? ? "C4'" B DC 17 ? ? "C3'" B DC 17 ? ? 100.01 104.50 -4.49 0.40 N 
50 1 N3    B DC 17 ? ? C4    B DC 17 ? ? N4    B DC 17 ? ? 110.24 118.00 -7.76 0.70 N 
51 1 C5    B DC 17 ? ? C4    B DC 17 ? ? N4    B DC 17 ? ? 128.40 120.20 8.20  0.70 N 
52 1 C2    B DC 17 ? ? N1    B DC 17 ? ? "C1'" B DC 17 ? ? 111.03 118.80 -7.77 1.10 N 
53 1 "C3'" B DC 17 ? ? "O3'" B DC 17 ? ? P     B DT 18 ? ? 131.76 119.70 12.06 1.20 Y 
54 1 "O4'" B DT 18 ? ? "C4'" B DT 18 ? ? "C3'" B DT 18 ? ? 99.79  104.50 -4.71 0.40 N 
55 1 N3    B DT 18 ? ? C2    B DT 18 ? ? O2    B DT 18 ? ? 117.87 122.30 -4.43 0.60 N 
56 1 C4    B DT 18 ? ? C5    B DT 18 ? ? C7    B DT 18 ? ? 114.00 119.00 -5.00 0.60 N 
57 1 "C3'" B DT 18 ? ? "O3'" B DT 18 ? ? P     B DT 19 ? ? 131.51 119.70 11.81 1.20 Y 
58 1 "O4'" B DT 19 ? ? "C1'" B DT 19 ? ? N1    B DT 19 ? ? 103.03 108.00 -4.97 0.70 N 
59 1 C2    B DT 19 ? ? N3    B DT 19 ? ? C4    B DT 19 ? ? 122.67 127.20 -4.53 0.60 N 
60 1 C4    B DT 19 ? ? C5    B DT 19 ? ? C6    B DT 19 ? ? 122.52 118.00 4.52  0.60 N 
61 1 C5    B DT 19 ? ? C6    B DT 19 ? ? N1    B DT 19 ? ? 117.91 123.70 -5.79 0.60 N 
62 1 N1    B DT 19 ? ? C2    B DT 19 ? ? O2    B DT 19 ? ? 113.26 123.10 -9.84 0.80 N 
63 1 N3    B DT 19 ? ? C2    B DT 19 ? ? O2    B DT 19 ? ? 129.47 122.30 7.17  0.60 N 
64 1 C6    B DT 19 ? ? C5    B DT 19 ? ? C7    B DT 19 ? ? 115.60 122.90 -7.30 0.60 N 
65 1 "O4'" B DC 20 ? ? "C1'" B DC 20 ? ? N1    B DC 20 ? ? 112.85 108.30 4.55  0.30 N 
# 
loop_
_chem_comp_atom.comp_id 
_chem_comp_atom.atom_id 
_chem_comp_atom.type_symbol 
_chem_comp_atom.pdbx_aromatic_flag 
_chem_comp_atom.pdbx_stereo_config 
_chem_comp_atom.pdbx_ordinal 
A   OP3    O N N 1   
A   P      P N N 2   
A   OP1    O N N 3   
A   OP2    O N N 4   
A   "O5'"  O N N 5   
A   "C5'"  C N N 6   
A   "C4'"  C N R 7   
A   "O4'"  O N N 8   
A   "C3'"  C N S 9   
A   "O3'"  O N N 10  
A   "C2'"  C N R 11  
A   "O2'"  O N N 12  
A   "C1'"  C N R 13  
A   N9     N Y N 14  
A   C8     C Y N 15  
A   N7     N Y N 16  
A   C5     C Y N 17  
A   C6     C Y N 18  
A   N6     N N N 19  
A   N1     N Y N 20  
A   C2     C Y N 21  
A   N3     N Y N 22  
A   C4     C Y N 23  
A   HOP3   H N N 24  
A   HOP2   H N N 25  
A   "H5'"  H N N 26  
A   "H5''" H N N 27  
A   "H4'"  H N N 28  
A   "H3'"  H N N 29  
A   "HO3'" H N N 30  
A   "H2'"  H N N 31  
A   "HO2'" H N N 32  
A   "H1'"  H N N 33  
A   H8     H N N 34  
A   H61    H N N 35  
A   H62    H N N 36  
A   H2     H N N 37  
C   OP3    O N N 38  
C   P      P N N 39  
C   OP1    O N N 40  
C   OP2    O N N 41  
C   "O5'"  O N N 42  
C   "C5'"  C N N 43  
C   "C4'"  C N R 44  
C   "O4'"  O N N 45  
C   "C3'"  C N S 46  
C   "O3'"  O N N 47  
C   "C2'"  C N R 48  
C   "O2'"  O N N 49  
C   "C1'"  C N R 50  
C   N1     N N N 51  
C   C2     C N N 52  
C   O2     O N N 53  
C   N3     N N N 54  
C   C4     C N N 55  
C   N4     N N N 56  
C   C5     C N N 57  
C   C6     C N N 58  
C   HOP3   H N N 59  
C   HOP2   H N N 60  
C   "H5'"  H N N 61  
C   "H5''" H N N 62  
C   "H4'"  H N N 63  
C   "H3'"  H N N 64  
C   "HO3'" H N N 65  
C   "H2'"  H N N 66  
C   "HO2'" H N N 67  
C   "H1'"  H N N 68  
C   H41    H N N 69  
C   H42    H N N 70  
C   H5     H N N 71  
C   H6     H N N 72  
DC  OP3    O N N 73  
DC  P      P N N 74  
DC  OP1    O N N 75  
DC  OP2    O N N 76  
DC  "O5'"  O N N 77  
DC  "C5'"  C N N 78  
DC  "C4'"  C N R 79  
DC  "O4'"  O N N 80  
DC  "C3'"  C N S 81  
DC  "O3'"  O N N 82  
DC  "C2'"  C N N 83  
DC  "C1'"  C N R 84  
DC  N1     N N N 85  
DC  C2     C N N 86  
DC  O2     O N N 87  
DC  N3     N N N 88  
DC  C4     C N N 89  
DC  N4     N N N 90  
DC  C5     C N N 91  
DC  C6     C N N 92  
DC  HOP3   H N N 93  
DC  HOP2   H N N 94  
DC  "H5'"  H N N 95  
DC  "H5''" H N N 96  
DC  "H4'"  H N N 97  
DC  "H3'"  H N N 98  
DC  "HO3'" H N N 99  
DC  "H2'"  H N N 100 
DC  "H2''" H N N 101 
DC  "H1'"  H N N 102 
DC  H41    H N N 103 
DC  H42    H N N 104 
DC  H5     H N N 105 
DC  H6     H N N 106 
DG  OP3    O N N 107 
DG  P      P N N 108 
DG  OP1    O N N 109 
DG  OP2    O N N 110 
DG  "O5'"  O N N 111 
DG  "C5'"  C N N 112 
DG  "C4'"  C N R 113 
DG  "O4'"  O N N 114 
DG  "C3'"  C N S 115 
DG  "O3'"  O N N 116 
DG  "C2'"  C N N 117 
DG  "C1'"  C N R 118 
DG  N9     N Y N 119 
DG  C8     C Y N 120 
DG  N7     N Y N 121 
DG  C5     C Y N 122 
DG  C6     C N N 123 
DG  O6     O N N 124 
DG  N1     N N N 125 
DG  C2     C N N 126 
DG  N2     N N N 127 
DG  N3     N N N 128 
DG  C4     C Y N 129 
DG  HOP3   H N N 130 
DG  HOP2   H N N 131 
DG  "H5'"  H N N 132 
DG  "H5''" H N N 133 
DG  "H4'"  H N N 134 
DG  "H3'"  H N N 135 
DG  "HO3'" H N N 136 
DG  "H2'"  H N N 137 
DG  "H2''" H N N 138 
DG  "H1'"  H N N 139 
DG  H8     H N N 140 
DG  H1     H N N 141 
DG  H21    H N N 142 
DG  H22    H N N 143 
DT  OP3    O N N 144 
DT  P      P N N 145 
DT  OP1    O N N 146 
DT  OP2    O N N 147 
DT  "O5'"  O N N 148 
DT  "C5'"  C N N 149 
DT  "C4'"  C N R 150 
DT  "O4'"  O N N 151 
DT  "C3'"  C N S 152 
DT  "O3'"  O N N 153 
DT  "C2'"  C N N 154 
DT  "C1'"  C N R 155 
DT  N1     N N N 156 
DT  C2     C N N 157 
DT  O2     O N N 158 
DT  N3     N N N 159 
DT  C4     C N N 160 
DT  O4     O N N 161 
DT  C5     C N N 162 
DT  C7     C N N 163 
DT  C6     C N N 164 
DT  HOP3   H N N 165 
DT  HOP2   H N N 166 
DT  "H5'"  H N N 167 
DT  "H5''" H N N 168 
DT  "H4'"  H N N 169 
DT  "H3'"  H N N 170 
DT  "HO3'" H N N 171 
DT  "H2'"  H N N 172 
DT  "H2''" H N N 173 
DT  "H1'"  H N N 174 
DT  H3     H N N 175 
DT  H71    H N N 176 
DT  H72    H N N 177 
DT  H73    H N N 178 
DT  H6     H N N 179 
G   OP3    O N N 180 
G   P      P N N 181 
G   OP1    O N N 182 
G   OP2    O N N 183 
G   "O5'"  O N N 184 
G   "C5'"  C N N 185 
G   "C4'"  C N R 186 
G   "O4'"  O N N 187 
G   "C3'"  C N S 188 
G   "O3'"  O N N 189 
G   "C2'"  C N R 190 
G   "O2'"  O N N 191 
G   "C1'"  C N R 192 
G   N9     N Y N 193 
G   C8     C Y N 194 
G   N7     N Y N 195 
G   C5     C Y N 196 
G   C6     C N N 197 
G   O6     O N N 198 
G   N1     N N N 199 
G   C2     C N N 200 
G   N2     N N N 201 
G   N3     N N N 202 
G   C4     C Y N 203 
G   HOP3   H N N 204 
G   HOP2   H N N 205 
G   "H5'"  H N N 206 
G   "H5''" H N N 207 
G   "H4'"  H N N 208 
G   "H3'"  H N N 209 
G   "HO3'" H N N 210 
G   "H2'"  H N N 211 
G   "HO2'" H N N 212 
G   "H1'"  H N N 213 
G   H8     H N N 214 
G   H1     H N N 215 
G   H21    H N N 216 
G   H22    H N N 217 
HOH O      O N N 218 
HOH H1     H N N 219 
HOH H2     H N N 220 
# 
loop_
_chem_comp_bond.comp_id 
_chem_comp_bond.atom_id_1 
_chem_comp_bond.atom_id_2 
_chem_comp_bond.value_order 
_chem_comp_bond.pdbx_aromatic_flag 
_chem_comp_bond.pdbx_stereo_config 
_chem_comp_bond.pdbx_ordinal 
A   OP3   P      sing N N 1   
A   OP3   HOP3   sing N N 2   
A   P     OP1    doub N N 3   
A   P     OP2    sing N N 4   
A   P     "O5'"  sing N N 5   
A   OP2   HOP2   sing N N 6   
A   "O5'" "C5'"  sing N N 7   
A   "C5'" "C4'"  sing N N 8   
A   "C5'" "H5'"  sing N N 9   
A   "C5'" "H5''" sing N N 10  
A   "C4'" "O4'"  sing N N 11  
A   "C4'" "C3'"  sing N N 12  
A   "C4'" "H4'"  sing N N 13  
A   "O4'" "C1'"  sing N N 14  
A   "C3'" "O3'"  sing N N 15  
A   "C3'" "C2'"  sing N N 16  
A   "C3'" "H3'"  sing N N 17  
A   "O3'" "HO3'" sing N N 18  
A   "C2'" "O2'"  sing N N 19  
A   "C2'" "C1'"  sing N N 20  
A   "C2'" "H2'"  sing N N 21  
A   "O2'" "HO2'" sing N N 22  
A   "C1'" N9     sing N N 23  
A   "C1'" "H1'"  sing N N 24  
A   N9    C8     sing Y N 25  
A   N9    C4     sing Y N 26  
A   C8    N7     doub Y N 27  
A   C8    H8     sing N N 28  
A   N7    C5     sing Y N 29  
A   C5    C6     sing Y N 30  
A   C5    C4     doub Y N 31  
A   C6    N6     sing N N 32  
A   C6    N1     doub Y N 33  
A   N6    H61    sing N N 34  
A   N6    H62    sing N N 35  
A   N1    C2     sing Y N 36  
A   C2    N3     doub Y N 37  
A   C2    H2     sing N N 38  
A   N3    C4     sing Y N 39  
C   OP3   P      sing N N 40  
C   OP3   HOP3   sing N N 41  
C   P     OP1    doub N N 42  
C   P     OP2    sing N N 43  
C   P     "O5'"  sing N N 44  
C   OP2   HOP2   sing N N 45  
C   "O5'" "C5'"  sing N N 46  
C   "C5'" "C4'"  sing N N 47  
C   "C5'" "H5'"  sing N N 48  
C   "C5'" "H5''" sing N N 49  
C   "C4'" "O4'"  sing N N 50  
C   "C4'" "C3'"  sing N N 51  
C   "C4'" "H4'"  sing N N 52  
C   "O4'" "C1'"  sing N N 53  
C   "C3'" "O3'"  sing N N 54  
C   "C3'" "C2'"  sing N N 55  
C   "C3'" "H3'"  sing N N 56  
C   "O3'" "HO3'" sing N N 57  
C   "C2'" "O2'"  sing N N 58  
C   "C2'" "C1'"  sing N N 59  
C   "C2'" "H2'"  sing N N 60  
C   "O2'" "HO2'" sing N N 61  
C   "C1'" N1     sing N N 62  
C   "C1'" "H1'"  sing N N 63  
C   N1    C2     sing N N 64  
C   N1    C6     sing N N 65  
C   C2    O2     doub N N 66  
C   C2    N3     sing N N 67  
C   N3    C4     doub N N 68  
C   C4    N4     sing N N 69  
C   C4    C5     sing N N 70  
C   N4    H41    sing N N 71  
C   N4    H42    sing N N 72  
C   C5    C6     doub N N 73  
C   C5    H5     sing N N 74  
C   C6    H6     sing N N 75  
DC  OP3   P      sing N N 76  
DC  OP3   HOP3   sing N N 77  
DC  P     OP1    doub N N 78  
DC  P     OP2    sing N N 79  
DC  P     "O5'"  sing N N 80  
DC  OP2   HOP2   sing N N 81  
DC  "O5'" "C5'"  sing N N 82  
DC  "C5'" "C4'"  sing N N 83  
DC  "C5'" "H5'"  sing N N 84  
DC  "C5'" "H5''" sing N N 85  
DC  "C4'" "O4'"  sing N N 86  
DC  "C4'" "C3'"  sing N N 87  
DC  "C4'" "H4'"  sing N N 88  
DC  "O4'" "C1'"  sing N N 89  
DC  "C3'" "O3'"  sing N N 90  
DC  "C3'" "C2'"  sing N N 91  
DC  "C3'" "H3'"  sing N N 92  
DC  "O3'" "HO3'" sing N N 93  
DC  "C2'" "C1'"  sing N N 94  
DC  "C2'" "H2'"  sing N N 95  
DC  "C2'" "H2''" sing N N 96  
DC  "C1'" N1     sing N N 97  
DC  "C1'" "H1'"  sing N N 98  
DC  N1    C2     sing N N 99  
DC  N1    C6     sing N N 100 
DC  C2    O2     doub N N 101 
DC  C2    N3     sing N N 102 
DC  N3    C4     doub N N 103 
DC  C4    N4     sing N N 104 
DC  C4    C5     sing N N 105 
DC  N4    H41    sing N N 106 
DC  N4    H42    sing N N 107 
DC  C5    C6     doub N N 108 
DC  C5    H5     sing N N 109 
DC  C6    H6     sing N N 110 
DG  OP3   P      sing N N 111 
DG  OP3   HOP3   sing N N 112 
DG  P     OP1    doub N N 113 
DG  P     OP2    sing N N 114 
DG  P     "O5'"  sing N N 115 
DG  OP2   HOP2   sing N N 116 
DG  "O5'" "C5'"  sing N N 117 
DG  "C5'" "C4'"  sing N N 118 
DG  "C5'" "H5'"  sing N N 119 
DG  "C5'" "H5''" sing N N 120 
DG  "C4'" "O4'"  sing N N 121 
DG  "C4'" "C3'"  sing N N 122 
DG  "C4'" "H4'"  sing N N 123 
DG  "O4'" "C1'"  sing N N 124 
DG  "C3'" "O3'"  sing N N 125 
DG  "C3'" "C2'"  sing N N 126 
DG  "C3'" "H3'"  sing N N 127 
DG  "O3'" "HO3'" sing N N 128 
DG  "C2'" "C1'"  sing N N 129 
DG  "C2'" "H2'"  sing N N 130 
DG  "C2'" "H2''" sing N N 131 
DG  "C1'" N9     sing N N 132 
DG  "C1'" "H1'"  sing N N 133 
DG  N9    C8     sing Y N 134 
DG  N9    C4     sing Y N 135 
DG  C8    N7     doub Y N 136 
DG  C8    H8     sing N N 137 
DG  N7    C5     sing Y N 138 
DG  C5    C6     sing N N 139 
DG  C5    C4     doub Y N 140 
DG  C6    O6     doub N N 141 
DG  C6    N1     sing N N 142 
DG  N1    C2     sing N N 143 
DG  N1    H1     sing N N 144 
DG  C2    N2     sing N N 145 
DG  C2    N3     doub N N 146 
DG  N2    H21    sing N N 147 
DG  N2    H22    sing N N 148 
DG  N3    C4     sing N N 149 
DT  OP3   P      sing N N 150 
DT  OP3   HOP3   sing N N 151 
DT  P     OP1    doub N N 152 
DT  P     OP2    sing N N 153 
DT  P     "O5'"  sing N N 154 
DT  OP2   HOP2   sing N N 155 
DT  "O5'" "C5'"  sing N N 156 
DT  "C5'" "C4'"  sing N N 157 
DT  "C5'" "H5'"  sing N N 158 
DT  "C5'" "H5''" sing N N 159 
DT  "C4'" "O4'"  sing N N 160 
DT  "C4'" "C3'"  sing N N 161 
DT  "C4'" "H4'"  sing N N 162 
DT  "O4'" "C1'"  sing N N 163 
DT  "C3'" "O3'"  sing N N 164 
DT  "C3'" "C2'"  sing N N 165 
DT  "C3'" "H3'"  sing N N 166 
DT  "O3'" "HO3'" sing N N 167 
DT  "C2'" "C1'"  sing N N 168 
DT  "C2'" "H2'"  sing N N 169 
DT  "C2'" "H2''" sing N N 170 
DT  "C1'" N1     sing N N 171 
DT  "C1'" "H1'"  sing N N 172 
DT  N1    C2     sing N N 173 
DT  N1    C6     sing N N 174 
DT  C2    O2     doub N N 175 
DT  C2    N3     sing N N 176 
DT  N3    C4     sing N N 177 
DT  N3    H3     sing N N 178 
DT  C4    O4     doub N N 179 
DT  C4    C5     sing N N 180 
DT  C5    C7     sing N N 181 
DT  C5    C6     doub N N 182 
DT  C7    H71    sing N N 183 
DT  C7    H72    sing N N 184 
DT  C7    H73    sing N N 185 
DT  C6    H6     sing N N 186 
G   OP3   P      sing N N 187 
G   OP3   HOP3   sing N N 188 
G   P     OP1    doub N N 189 
G   P     OP2    sing N N 190 
G   P     "O5'"  sing N N 191 
G   OP2   HOP2   sing N N 192 
G   "O5'" "C5'"  sing N N 193 
G   "C5'" "C4'"  sing N N 194 
G   "C5'" "H5'"  sing N N 195 
G   "C5'" "H5''" sing N N 196 
G   "C4'" "O4'"  sing N N 197 
G   "C4'" "C3'"  sing N N 198 
G   "C4'" "H4'"  sing N N 199 
G   "O4'" "C1'"  sing N N 200 
G   "C3'" "O3'"  sing N N 201 
G   "C3'" "C2'"  sing N N 202 
G   "C3'" "H3'"  sing N N 203 
G   "O3'" "HO3'" sing N N 204 
G   "C2'" "O2'"  sing N N 205 
G   "C2'" "C1'"  sing N N 206 
G   "C2'" "H2'"  sing N N 207 
G   "O2'" "HO2'" sing N N 208 
G   "C1'" N9     sing N N 209 
G   "C1'" "H1'"  sing N N 210 
G   N9    C8     sing Y N 211 
G   N9    C4     sing Y N 212 
G   C8    N7     doub Y N 213 
G   C8    H8     sing N N 214 
G   N7    C5     sing Y N 215 
G   C5    C6     sing N N 216 
G   C5    C4     doub Y N 217 
G   C6    O6     doub N N 218 
G   C6    N1     sing N N 219 
G   N1    C2     sing N N 220 
G   N1    H1     sing N N 221 
G   C2    N2     sing N N 222 
G   C2    N3     doub N N 223 
G   N2    H21    sing N N 224 
G   N2    H22    sing N N 225 
G   N3    C4     sing N N 226 
HOH O     H1     sing N N 227 
HOH O     H2     sing N N 228 
# 
_ndb_struct_conf_na.entry_id   404D 
_ndb_struct_conf_na.feature    'a-form double helix' 
# 
loop_
_ndb_struct_na_base_pair.model_number 
_ndb_struct_na_base_pair.i_label_asym_id 
_ndb_struct_na_base_pair.i_label_comp_id 
_ndb_struct_na_base_pair.i_label_seq_id 
_ndb_struct_na_base_pair.i_symmetry 
_ndb_struct_na_base_pair.j_label_asym_id 
_ndb_struct_na_base_pair.j_label_comp_id 
_ndb_struct_na_base_pair.j_label_seq_id 
_ndb_struct_na_base_pair.j_symmetry 
_ndb_struct_na_base_pair.shear 
_ndb_struct_na_base_pair.stretch 
_ndb_struct_na_base_pair.stagger 
_ndb_struct_na_base_pair.buckle 
_ndb_struct_na_base_pair.propeller 
_ndb_struct_na_base_pair.opening 
_ndb_struct_na_base_pair.pair_number 
_ndb_struct_na_base_pair.pair_name 
_ndb_struct_na_base_pair.i_auth_asym_id 
_ndb_struct_na_base_pair.i_auth_seq_id 
_ndb_struct_na_base_pair.i_PDB_ins_code 
_ndb_struct_na_base_pair.j_auth_asym_id 
_ndb_struct_na_base_pair.j_auth_seq_id 
_ndb_struct_na_base_pair.j_PDB_ins_code 
_ndb_struct_na_base_pair.hbond_type_28 
_ndb_struct_na_base_pair.hbond_type_12 
1 A G 1  1_555 B DC 10 1_555 -0.120 -0.240 -0.132 -10.146 -3.654  -1.631 1  A_G1:DC20_B  A 1  ? B 20 ? 19 1 
1 A A 2  1_555 B DT 9  1_555 -0.188 -0.286 -0.102 -9.731  -14.305 6.859  2  A_A2:DT19_B  A 2  ? B 19 ? 20 1 
1 A A 3  1_555 B DT 8  1_555 -0.135 -0.336 0.195  -2.644  -11.049 2.428  3  A_A3:DT18_B  A 3  ? B 18 ? 20 1 
1 A G 4  1_555 B DC 7  1_555 -0.286 -0.342 -0.076 -4.889  -8.075  0.092  4  A_G4:DC17_B  A 4  ? B 17 ? 19 1 
1 A A 5  1_555 B DT 6  1_555 0.120  -0.323 -0.537 -15.062 -7.754  -1.655 5  A_A5:DT16_B  A 5  ? B 16 ? 20 1 
1 A G 6  1_555 B DC 5  1_555 -0.183 -0.203 -0.289 -9.736  -3.786  -4.224 6  A_G6:DC15_B  A 6  ? B 15 ? 19 1 
1 A A 7  1_555 B DT 4  1_555 0.097  -0.185 -0.335 -16.711 -5.853  0.799  7  A_A7:DT14_B  A 7  ? B 14 ? 20 1 
1 A A 8  1_555 B DT 3  1_555 0.066  -0.128 0.175  -1.682  -2.850  -2.013 8  A_A8:DT13_B  A 8  ? B 13 ? 20 1 
1 A G 9  1_555 B DC 2  1_555 -0.128 -0.248 0.019  -3.240  -6.405  -1.034 9  A_G9:DC12_B  A 9  ? B 12 ? 19 1 
1 A C 10 1_555 B DG 1  1_555 0.209  -0.163 -0.013 4.807   1.705   0.755  10 A_C10:DG11_B A 10 ? B 11 ? 19 1 
# 
loop_
_ndb_struct_na_base_pair_step.model_number 
_ndb_struct_na_base_pair_step.i_label_asym_id_1 
_ndb_struct_na_base_pair_step.i_label_comp_id_1 
_ndb_struct_na_base_pair_step.i_label_seq_id_1 
_ndb_struct_na_base_pair_step.i_symmetry_1 
_ndb_struct_na_base_pair_step.j_label_asym_id_1 
_ndb_struct_na_base_pair_step.j_label_comp_id_1 
_ndb_struct_na_base_pair_step.j_label_seq_id_1 
_ndb_struct_na_base_pair_step.j_symmetry_1 
_ndb_struct_na_base_pair_step.i_label_asym_id_2 
_ndb_struct_na_base_pair_step.i_label_comp_id_2 
_ndb_struct_na_base_pair_step.i_label_seq_id_2 
_ndb_struct_na_base_pair_step.i_symmetry_2 
_ndb_struct_na_base_pair_step.j_label_asym_id_2 
_ndb_struct_na_base_pair_step.j_label_comp_id_2 
_ndb_struct_na_base_pair_step.j_label_seq_id_2 
_ndb_struct_na_base_pair_step.j_symmetry_2 
_ndb_struct_na_base_pair_step.shift 
_ndb_struct_na_base_pair_step.slide 
_ndb_struct_na_base_pair_step.rise 
_ndb_struct_na_base_pair_step.tilt 
_ndb_struct_na_base_pair_step.roll 
_ndb_struct_na_base_pair_step.twist 
_ndb_struct_na_base_pair_step.x_displacement 
_ndb_struct_na_base_pair_step.y_displacement 
_ndb_struct_na_base_pair_step.helical_rise 
_ndb_struct_na_base_pair_step.inclination 
_ndb_struct_na_base_pair_step.tip 
_ndb_struct_na_base_pair_step.helical_twist 
_ndb_struct_na_base_pair_step.step_number 
_ndb_struct_na_base_pair_step.step_name 
_ndb_struct_na_base_pair_step.i_auth_asym_id_1 
_ndb_struct_na_base_pair_step.i_auth_seq_id_1 
_ndb_struct_na_base_pair_step.i_PDB_ins_code_1 
_ndb_struct_na_base_pair_step.j_auth_asym_id_1 
_ndb_struct_na_base_pair_step.j_auth_seq_id_1 
_ndb_struct_na_base_pair_step.j_PDB_ins_code_1 
_ndb_struct_na_base_pair_step.i_auth_asym_id_2 
_ndb_struct_na_base_pair_step.i_auth_seq_id_2 
_ndb_struct_na_base_pair_step.i_PDB_ins_code_2 
_ndb_struct_na_base_pair_step.j_auth_asym_id_2 
_ndb_struct_na_base_pair_step.j_auth_seq_id_2 
_ndb_struct_na_base_pair_step.j_PDB_ins_code_2 
1 A G 1 1_555 B DC 10 1_555 A A 2  1_555 B DT 9 1_555 0.240  -0.996 3.266 -0.365 8.226  32.707 -3.007 -0.470 2.934 14.326 0.636  
33.700 1 AA_G1A2:DT19DC20_BB  A 1 ? B 20 ? A 2  ? B 19 ? 
1 A A 2 1_555 B DT 9  1_555 A A 3  1_555 B DT 8 1_555 0.109  -0.803 3.087 -1.819 3.033  32.954 -1.884 -0.476 2.994 5.327  3.196  
33.138 2 AA_A2A3:DT18DT19_BB  A 2 ? B 19 ? A 3  ? B 18 ? 
1 A A 3 1_555 B DT 8  1_555 A G 4  1_555 B DC 7 1_555 0.493  -2.134 3.416 2.544  3.923  27.325 -5.408 -0.411 3.117 8.229  -5.336 
27.715 3 AA_A3G4:DC17DT18_BB  A 3 ? B 18 ? A 4  ? B 17 ? 
1 A G 4 1_555 B DC 7  1_555 A A 5  1_555 B DT 6 1_555 -1.238 -1.701 3.572 0.353  10.197 33.414 -4.408 2.118  2.930 17.241 -0.596 
34.894 4 AA_G4A5:DT16DC17_BB  A 4 ? B 17 ? A 5  ? B 16 ? 
1 A A 5 1_555 B DT 6  1_555 A G 6  1_555 B DC 5 1_555 0.992  -1.821 3.319 1.391  8.102  25.020 -6.038 -1.829 2.658 18.089 -3.106 
26.315 5 AA_A5G6:DC15DT16_BB  A 5 ? B 16 ? A 6  ? B 15 ? 
1 A G 6 1_555 B DC 5  1_555 A A 7  1_555 B DT 4 1_555 0.487  -1.917 3.742 4.676  8.924  30.950 -5.106 0.011  3.122 16.193 -8.485 
32.510 6 AA_G6A7:DT14DC15_BB  A 6 ? B 15 ? A 7  ? B 14 ? 
1 A A 7 1_555 B DT 4  1_555 A A 8  1_555 B DT 3 1_555 1.013  -1.862 3.031 -0.049 1.973  24.739 -4.870 -2.371 2.874 4.596  0.115  
24.817 7 AA_A7A8:DT13DT14_BB  A 7 ? B 14 ? A 8  ? B 13 ? 
1 A A 8 1_555 B DT 3  1_555 A G 9  1_555 B DC 2 1_555 -0.414 -1.926 3.472 0.154  1.429  28.993 -4.171 0.861  3.373 2.852  -0.307 
29.028 8 AA_A8G9:DC12DT13_BB  A 8 ? B 13 ? A 9  ? B 12 ? 
1 A G 9 1_555 B DC 2  1_555 A C 10 1_555 B DG 1 1_555 0.326  -1.509 3.190 -0.686 3.281  32.812 -3.189 -0.686 3.022 5.789  1.211  
32.978 9 AA_G9C10:DG11DC12_BB A 9 ? B 12 ? A 10 ? B 11 ? 
# 
_atom_sites.entry_id                    404D 
_atom_sites.fract_transf_matrix[1][1]   0.02766718 
_atom_sites.fract_transf_matrix[1][2]   -0.02729169 
_atom_sites.fract_transf_matrix[1][3]   -0.00115989 
_atom_sites.fract_transf_matrix[2][1]   0.01377020 
_atom_sites.fract_transf_matrix[2][2]   0.01435449 
_atom_sites.fract_transf_matrix[2][3]   -0.00929022 
_atom_sites.fract_transf_matrix[3][1]   0.00662089 
_atom_sites.fract_transf_matrix[3][2]   0.00590701 
_atom_sites.fract_transf_matrix[3][3]   0.01894070 
_atom_sites.fract_transf_vector[1]      0.159448 
_atom_sites.fract_transf_vector[2]      0.068879 
_atom_sites.fract_transf_vector[3]      0.249710 
# 
loop_
_atom_type.symbol 
C 
N 
O 
P 
# 
loop_
_atom_site.group_PDB 
_atom_site.id 
_atom_site.type_symbol 
_atom_site.label_atom_id 
_atom_site.label_alt_id 
_atom_site.label_comp_id 
_atom_site.label_asym_id 
_atom_site.label_entity_id 
_atom_site.label_seq_id 
_atom_site.pdbx_PDB_ins_code 
_atom_site.Cartn_x 
_atom_site.Cartn_y 
_atom_site.Cartn_z 
_atom_site.occupancy 
_atom_site.B_iso_or_equiv 
_atom_site.pdbx_formal_charge 
_atom_site.auth_seq_id 
_atom_site.auth_comp_id 
_atom_site.auth_asym_id 
_atom_site.auth_atom_id 
_atom_site.pdbx_PDB_model_num 
ATOM   1   O "O5'" . G   A 1 1  ? 0.433   11.641  -9.285  1.00 28.70 ? 1  G   A "O5'" 1 
ATOM   2   C "C5'" . G   A 1 1  ? 1.149   10.851  -8.289  1.00 25.35 ? 1  G   A "C5'" 1 
ATOM   3   C "C4'" . G   A 1 1  ? 2.617   11.183  -8.563  1.00 24.57 ? 1  G   A "C4'" 1 
ATOM   4   O "O4'" . G   A 1 1  ? 2.909   12.432  -7.871  1.00 25.03 ? 1  G   A "O4'" 1 
ATOM   5   C "C3'" . G   A 1 1  ? 3.576   10.203  -7.964  1.00 25.17 ? 1  G   A "C3'" 1 
ATOM   6   O "O3'" . G   A 1 1  ? 3.976   9.178   -8.847  1.00 25.40 ? 1  G   A "O3'" 1 
ATOM   7   C "C2'" . G   A 1 1  ? 4.741   10.994  -7.402  1.00 25.55 ? 1  G   A "C2'" 1 
ATOM   8   O "O2'" . G   A 1 1  ? 5.630   11.468  -8.403  1.00 26.43 ? 1  G   A "O2'" 1 
ATOM   9   C "C1'" . G   A 1 1  ? 3.988   12.237  -6.968  1.00 25.55 ? 1  G   A "C1'" 1 
ATOM   10  N N9    . G   A 1 1  ? 3.535   12.252  -5.551  1.00 24.35 ? 1  G   A N9    1 
ATOM   11  C C8    . G   A 1 1  ? 2.230   12.247  -5.129  1.00 22.95 ? 1  G   A C8    1 
ATOM   12  N N7    . G   A 1 1  ? 2.127   12.294  -3.823  1.00 23.63 ? 1  G   A N7    1 
ATOM   13  C C5    . G   A 1 1  ? 3.458   12.366  -3.371  1.00 23.21 ? 1  G   A C5    1 
ATOM   14  C C6    . G   A 1 1  ? 3.969   12.498  -2.056  1.00 22.19 ? 1  G   A C6    1 
ATOM   15  O O6    . G   A 1 1  ? 3.330   12.555  -1.007  1.00 22.74 ? 1  G   A O6    1 
ATOM   16  N N1    . G   A 1 1  ? 5.371   12.540  -1.988  1.00 21.38 ? 1  G   A N1    1 
ATOM   17  C C2    . G   A 1 1  ? 6.177   12.482  -3.117  1.00 21.82 ? 1  G   A C2    1 
ATOM   18  N N2    . G   A 1 1  ? 7.476   12.509  -2.856  1.00 20.57 ? 1  G   A N2    1 
ATOM   19  N N3    . G   A 1 1  ? 5.685   12.407  -4.351  1.00 22.86 ? 1  G   A N3    1 
ATOM   20  C C4    . G   A 1 1  ? 4.329   12.347  -4.430  1.00 23.04 ? 1  G   A C4    1 
ATOM   21  P P     . A   A 1 2  ? 4.485   7.742   -8.326  1.00 25.12 ? 2  A   A P     1 
ATOM   22  O OP1   . A   A 1 2  ? 4.806   6.904   -9.500  1.00 25.92 ? 2  A   A OP1   1 
ATOM   23  O OP2   . A   A 1 2  ? 3.392   7.266   -7.442  1.00 26.33 ? 2  A   A OP2   1 
ATOM   24  O "O5'" . A   A 1 2  ? 5.850   7.943   -7.477  1.00 24.87 ? 2  A   A "O5'" 1 
ATOM   25  C "C5'" . A   A 1 2  ? 7.058   8.434   -8.060  1.00 23.81 ? 2  A   A "C5'" 1 
ATOM   26  C "C4'" . A   A 1 2  ? 8.067   8.614   -6.933  1.00 24.76 ? 2  A   A "C4'" 1 
ATOM   27  O "O4'" . A   A 1 2  ? 7.628   9.620   -5.974  1.00 24.87 ? 2  A   A "O4'" 1 
ATOM   28  C "C3'" . A   A 1 2  ? 8.126   7.377   -6.060  1.00 25.47 ? 2  A   A "C3'" 1 
ATOM   29  O "O3'" . A   A 1 2  ? 8.986   6.361   -6.545  1.00 26.38 ? 2  A   A "O3'" 1 
ATOM   30  C "C2'" . A   A 1 2  ? 8.656   7.873   -4.722  1.00 24.14 ? 2  A   A "C2'" 1 
ATOM   31  O "O2'" . A   A 1 2  ? 10.065  8.089   -4.745  1.00 25.64 ? 2  A   A "O2'" 1 
ATOM   32  C "C1'" . A   A 1 2  ? 7.902   9.163   -4.642  1.00 24.31 ? 2  A   A "C1'" 1 
ATOM   33  N N9    . A   A 1 2  ? 6.624   9.139   -3.873  1.00 22.37 ? 2  A   A N9    1 
ATOM   34  C C8    . A   A 1 2  ? 5.330   9.031   -4.306  1.00 22.67 ? 2  A   A C8    1 
ATOM   35  N N7    . A   A 1 2  ? 4.443   9.092   -3.351  1.00 21.48 ? 2  A   A N7    1 
ATOM   36  C C5    . A   A 1 2  ? 5.195   9.229   -2.214  1.00 20.75 ? 2  A   A C5    1 
ATOM   37  C C6    . A   A 1 2  ? 4.847   9.367   -0.864  1.00 19.10 ? 2  A   A C6    1 
ATOM   38  N N6    . A   A 1 2  ? 3.618   9.379   -0.403  1.00 16.07 ? 2  A   A N6    1 
ATOM   39  N N1    . A   A 1 2  ? 5.868   9.513   0.017   1.00 21.95 ? 2  A   A N1    1 
ATOM   40  C C2    . A   A 1 2  ? 7.139   9.495   -0.438  1.00 21.12 ? 2  A   A C2    1 
ATOM   41  N N3    . A   A 1 2  ? 7.558   9.399   -1.675  1.00 21.30 ? 2  A   A N3    1 
ATOM   42  C C4    . A   A 1 2  ? 6.528   9.271   -2.528  1.00 21.21 ? 2  A   A C4    1 
ATOM   43  P P     . A   A 1 3  ? 8.737   4.795   -6.296  1.00 29.09 ? 3  A   A P     1 
ATOM   44  O OP1   . A   A 1 3  ? 9.420   4.127   -7.419  1.00 28.32 ? 3  A   A OP1   1 
ATOM   45  O OP2   . A   A 1 3  ? 7.285   4.569   -6.072  1.00 26.99 ? 3  A   A OP2   1 
ATOM   46  O "O5'" . A   A 1 3  ? 9.448   4.306   -4.899  1.00 27.58 ? 3  A   A "O5'" 1 
ATOM   47  C "C5'" . A   A 1 3  ? 10.554  5.056   -4.398  1.00 24.85 ? 3  A   A "C5'" 1 
ATOM   48  C "C4'" . A   A 1 3  ? 10.587  5.141   -2.899  1.00 25.00 ? 3  A   A "C4'" 1 
ATOM   49  O "O4'" . A   A 1 3  ? 9.818   6.259   -2.348  1.00 22.56 ? 3  A   A "O4'" 1 
ATOM   50  C "C3'" . A   A 1 3  ? 10.026  3.952   -2.096  1.00 24.72 ? 3  A   A "C3'" 1 
ATOM   51  O "O3'" . A   A 1 3  ? 10.962  2.895   -2.084  1.00 26.26 ? 3  A   A "O3'" 1 
ATOM   52  C "C2'" . A   A 1 3  ? 10.013  4.573   -0.696  1.00 25.04 ? 3  A   A "C2'" 1 
ATOM   53  O "O2'" . A   A 1 3  ? 11.342  4.803   -0.190  1.00 24.45 ? 3  A   A "O2'" 1 
ATOM   54  C "C1'" . A   A 1 3  ? 9.379   5.904   -1.051  1.00 22.93 ? 3  A   A "C1'" 1 
ATOM   55  N N9    . A   A 1 3  ? 7.900   5.868   -1.136  1.00 22.52 ? 3  A   A N9    1 
ATOM   56  C C8    . A   A 1 3  ? 7.048   5.714   -2.193  1.00 21.08 ? 3  A   A C8    1 
ATOM   57  N N7    . A   A 1 3  ? 5.812   5.828   -1.840  1.00 20.48 ? 3  A   A N7    1 
ATOM   58  C C5    . A   A 1 3  ? 5.830   6.074   -0.478  1.00 20.04 ? 3  A   A C5    1 
ATOM   59  C C6    . A   A 1 3  ? 4.835   6.258   0.497   1.00 19.13 ? 3  A   A C6    1 
ATOM   60  N N6    . A   A 1 3  ? 3.509   6.247   0.295   1.00 14.51 ? 3  A   A N6    1 
ATOM   61  N N1    . A   A 1 3  ? 5.318   6.454   1.730   1.00 19.87 ? 3  A   A N1    1 
ATOM   62  C C2    . A   A 1 3  ? 6.599   6.490   2.023   1.00 21.28 ? 3  A   A C2    1 
ATOM   63  N N3    . A   A 1 3  ? 7.613   6.321   1.182   1.00 23.13 ? 3  A   A N3    1 
ATOM   64  C C4    . A   A 1 3  ? 7.105   6.097   -0.044  1.00 21.57 ? 3  A   A C4    1 
ATOM   65  P P     . G   A 1 4  ? 10.776  1.368   -1.557  1.00 29.26 ? 4  G   A P     1 
ATOM   66  O OP1   . G   A 1 4  ? 12.109  0.747   -1.680  1.00 29.61 ? 4  G   A OP1   1 
ATOM   67  O OP2   . G   A 1 4  ? 9.551   0.814   -2.169  1.00 27.41 ? 4  G   A OP2   1 
ATOM   68  O "O5'" . G   A 1 4  ? 10.523  1.525   0.027   1.00 27.96 ? 4  G   A "O5'" 1 
ATOM   69  C "C5'" . G   A 1 4  ? 9.324   1.001   0.588   1.00 25.57 ? 4  G   A "C5'" 1 
ATOM   70  C "C4'" . G   A 1 4  ? 9.370   1.648   1.970   1.00 22.81 ? 4  G   A "C4'" 1 
ATOM   71  O "O4'" . G   A 1 4  ? 8.753   2.950   1.902   1.00 22.24 ? 4  G   A "O4'" 1 
ATOM   72  C "C3'" . G   A 1 4  ? 8.456   0.874   2.912   1.00 21.02 ? 4  G   A "C3'" 1 
ATOM   73  O "O3'" . G   A 1 4  ? 9.219   -0.157  3.504   1.00 20.08 ? 4  G   A "O3'" 1 
ATOM   74  C "C2'" . G   A 1 4  ? 8.032   1.884   3.944   1.00 19.80 ? 4  G   A "C2'" 1 
ATOM   75  O "O2'" . G   A 1 4  ? 9.121   2.119   4.827   1.00 20.62 ? 4  G   A "O2'" 1 
ATOM   76  C "C1'" . G   A 1 4  ? 7.797   3.014   2.973   1.00 19.66 ? 4  G   A "C1'" 1 
ATOM   77  N N9    . G   A 1 4  ? 6.498   2.992   2.280   1.00 17.03 ? 4  G   A N9    1 
ATOM   78  C C8    . G   A 1 4  ? 6.230   2.805   0.951   1.00 16.51 ? 4  G   A C8    1 
ATOM   79  N N7    . G   A 1 4  ? 4.940   2.949   0.706   1.00 18.69 ? 4  G   A N7    1 
ATOM   80  C C5    . G   A 1 4  ? 4.348   3.204   1.947   1.00 17.73 ? 4  G   A C5    1 
ATOM   81  C C6    . G   A 1 4  ? 3.011   3.431   2.338   1.00 18.19 ? 4  G   A C6    1 
ATOM   82  O O6    . G   A 1 4  ? 1.955   3.453   1.691   1.00 18.33 ? 4  G   A O6    1 
ATOM   83  N N1    . G   A 1 4  ? 2.948   3.732   3.709   1.00 18.20 ? 4  G   A N1    1 
ATOM   84  C C2    . G   A 1 4  ? 3.960   3.731   4.638   1.00 17.96 ? 4  G   A C2    1 
ATOM   85  N N2    . G   A 1 4  ? 3.609   3.982   5.906   1.00 17.49 ? 4  G   A N2    1 
ATOM   86  N N3    . G   A 1 4  ? 5.202   3.477   4.259   1.00 17.10 ? 4  G   A N3    1 
ATOM   87  C C4    . G   A 1 4  ? 5.310   3.268   2.923   1.00 17.37 ? 4  G   A C4    1 
ATOM   88  P P     . A   A 1 5  ? 8.462   -1.539  3.859   1.00 20.03 ? 5  A   A P     1 
ATOM   89  O OP1   . A   A 1 5  ? 9.469   -2.587  4.016   1.00 21.06 ? 5  A   A OP1   1 
ATOM   90  O OP2   . A   A 1 5  ? 7.475   -1.782  2.769   1.00 20.61 ? 5  A   A OP2   1 
ATOM   91  O "O5'" . A   A 1 5  ? 7.630   -1.259  5.225   1.00 20.44 ? 5  A   A "O5'" 1 
ATOM   92  C "C5'" . A   A 1 5  ? 8.309   -0.709  6.383   1.00 18.79 ? 5  A   A "C5'" 1 
ATOM   93  C "C4'" . A   A 1 5  ? 7.256   -0.396  7.406   1.00 18.74 ? 5  A   A "C4'" 1 
ATOM   94  O "O4'" . A   A 1 5  ? 6.361   0.687   7.060   1.00 19.98 ? 5  A   A "O4'" 1 
ATOM   95  C "C3'" . A   A 1 5  ? 6.201   -1.525  7.455   1.00 19.39 ? 5  A   A "C3'" 1 
ATOM   96  O "O3'" . A   A 1 5  ? 6.769   -2.619  8.118   1.00 21.59 ? 5  A   A "O3'" 1 
ATOM   97  C "C2'" . A   A 1 5  ? 5.138   -0.916  8.364   1.00 19.01 ? 5  A   A "C2'" 1 
ATOM   98  O "O2'" . A   A 1 5  ? 5.700   -0.838  9.679   1.00 19.04 ? 5  A   A "O2'" 1 
ATOM   99  C "C1'" . A   A 1 5  ? 5.052   0.402   7.643   1.00 19.01 ? 5  A   A "C1'" 1 
ATOM   100 N N9    . A   A 1 5  ? 4.201   0.412   6.429   1.00 19.62 ? 5  A   A N9    1 
ATOM   101 C C8    . A   A 1 5  ? 4.686   0.315   5.129   1.00 19.75 ? 5  A   A C8    1 
ATOM   102 N N7    . A   A 1 5  ? 3.746   0.385   4.230   1.00 18.96 ? 5  A   A N7    1 
ATOM   103 C C5    . A   A 1 5  ? 2.602   0.557   4.976   1.00 18.32 ? 5  A   A C5    1 
ATOM   104 C C6    . A   A 1 5  ? 1.272   0.715   4.605   1.00 17.80 ? 5  A   A C6    1 
ATOM   105 N N6    . A   A 1 5  ? 0.917   0.700   3.325   1.00 17.67 ? 5  A   A N6    1 
ATOM   106 N N1    . A   A 1 5  ? 0.374   0.854   5.587   1.00 18.96 ? 5  A   A N1    1 
ATOM   107 C C2    . A   A 1 5  ? 0.748   0.851   6.869   1.00 18.56 ? 5  A   A C2    1 
ATOM   108 N N3    . A   A 1 5  ? 1.977   0.702   7.314   1.00 19.08 ? 5  A   A N3    1 
ATOM   109 C C4    . A   A 1 5  ? 2.856   0.558   6.314   1.00 18.85 ? 5  A   A C4    1 
ATOM   110 P P     . G   A 1 6  ? 6.368   -4.147  7.884   1.00 23.44 ? 6  G   A P     1 
ATOM   111 O OP1   . G   A 1 6  ? 7.337   -5.031  8.515   1.00 22.28 ? 6  G   A OP1   1 
ATOM   112 O OP2   . G   A 1 6  ? 6.004   -4.283  6.448   1.00 24.62 ? 6  G   A OP2   1 
ATOM   113 O "O5'" . G   A 1 6  ? 4.952   -4.293  8.681   1.00 25.06 ? 6  G   A "O5'" 1 
ATOM   114 C "C5'" . G   A 1 6  ? 3.910   -4.741  7.801   1.00 24.88 ? 6  G   A "C5'" 1 
ATOM   115 C "C4'" . G   A 1 6  ? 2.650   -4.480  8.616   1.00 26.09 ? 6  G   A "C4'" 1 
ATOM   116 O "O4'" . G   A 1 6  ? 2.236   -3.103  8.497   1.00 25.28 ? 6  G   A "O4'" 1 
ATOM   117 C "C3'" . G   A 1 6  ? 1.529   -5.288  7.955   1.00 25.73 ? 6  G   A "C3'" 1 
ATOM   118 O "O3'" . G   A 1 6  ? 1.495   -6.577  8.540   1.00 26.47 ? 6  G   A "O3'" 1 
ATOM   119 C "C2'" . G   A 1 6  ? 0.306   -4.463  8.182   1.00 24.54 ? 6  G   A "C2'" 1 
ATOM   120 O "O2'" . G   A 1 6  ? -0.112  -4.589  9.511   1.00 24.60 ? 6  G   A "O2'" 1 
ATOM   121 C "C1'" . G   A 1 6  ? 0.957   -3.080  7.881   1.00 24.80 ? 6  G   A "C1'" 1 
ATOM   122 N N9    . G   A 1 6  ? 1.001   -2.890  6.402   1.00 21.90 ? 6  G   A N9    1 
ATOM   123 C C8    . G   A 1 6  ? 1.958   -2.981  5.428   1.00 20.87 ? 6  G   A C8    1 
ATOM   124 N N7    . G   A 1 6  ? 1.501   -2.718  4.203   1.00 20.07 ? 6  G   A N7    1 
ATOM   125 C C5    . G   A 1 6  ? 0.147   -2.488  4.379   1.00 18.52 ? 6  G   A C5    1 
ATOM   126 C C6    . G   A 1 6  ? -0.874  -2.238  3.453   1.00 20.19 ? 6  G   A C6    1 
ATOM   127 O O6    . G   A 1 6  ? -0.789  -2.094  2.234   1.00 22.89 ? 6  G   A O6    1 
ATOM   128 N N1    . G   A 1 6  ? -2.151  -2.070  4.048   1.00 19.74 ? 6  G   A N1    1 
ATOM   129 C C2    . G   A 1 6  ? -2.352  -2.184  5.408   1.00 18.97 ? 6  G   A C2    1 
ATOM   130 N N2    . G   A 1 6  ? -3.622  -1.945  5.751   1.00 18.30 ? 6  G   A N2    1 
ATOM   131 N N3    . G   A 1 6  ? -1.390  -2.500  6.290   1.00 16.77 ? 6  G   A N3    1 
ATOM   132 C C4    . G   A 1 6  ? -0.180  -2.599  5.712   1.00 19.62 ? 6  G   A C4    1 
ATOM   133 P P     . A   A 1 7  ? 1.121   -7.850  7.583   1.00 27.01 ? 7  A   A P     1 
ATOM   134 O OP1   . A   A 1 7  ? 1.494   -9.021  8.418   1.00 27.91 ? 7  A   A OP1   1 
ATOM   135 O OP2   . A   A 1 7  ? 1.848   -7.649  6.344   1.00 25.58 ? 7  A   A OP2   1 
ATOM   136 O "O5'" . A   A 1 7  ? -0.479  -7.776  7.320   1.00 28.49 ? 7  A   A "O5'" 1 
ATOM   137 C "C5'" . A   A 1 7  ? -1.348  -7.471  8.458   1.00 26.47 ? 7  A   A "C5'" 1 
ATOM   138 C "C4'" . A   A 1 7  ? -2.733  -7.164  7.959   1.00 26.04 ? 7  A   A "C4'" 1 
ATOM   139 O "O4'" . A   A 1 7  ? -2.814  -5.909  7.245   1.00 27.37 ? 7  A   A "O4'" 1 
ATOM   140 C "C3'" . A   A 1 7  ? -3.144  -8.135  6.835   1.00 27.10 ? 7  A   A "C3'" 1 
ATOM   141 O "O3'" . A   A 1 7  ? -3.548  -9.371  7.412   1.00 28.91 ? 7  A   A "O3'" 1 
ATOM   142 C "C2'" . A   A 1 7  ? -4.308  -7.424  6.179   1.00 25.41 ? 7  A   A "C2'" 1 
ATOM   143 O "O2'" . A   A 1 7  ? -5.431  -7.447  7.015   1.00 23.89 ? 7  A   A "O2'" 1 
ATOM   144 C "C1'" . A   A 1 7  ? -3.730  -5.981  6.152   1.00 25.54 ? 7  A   A "C1'" 1 
ATOM   145 N N9    . A   A 1 7  ? -3.017  -5.806  4.870   1.00 23.65 ? 7  A   A N9    1 
ATOM   146 C C8    . A   A 1 7  ? -1.674  -5.998  4.603   1.00 24.39 ? 7  A   A C8    1 
ATOM   147 N N7    . A   A 1 7  ? -1.346  -5.780  3.367   1.00 23.08 ? 7  A   A N7    1 
ATOM   148 C C5    . A   A 1 7  ? -2.557  -5.457  2.774   1.00 22.41 ? 7  A   A C5    1 
ATOM   149 C C6    . A   A 1 7  ? -2.888  -5.127  1.450   1.00 22.90 ? 7  A   A C6    1 
ATOM   150 N N6    . A   A 1 7  ? -1.979  -5.060  0.460   1.00 22.67 ? 7  A   A N6    1 
ATOM   151 N N1    . A   A 1 7  ? -4.187  -4.886  1.201   1.00 22.34 ? 7  A   A N1    1 
ATOM   152 C C2    . A   A 1 7  ? -5.073  -4.962  2.190   1.00 22.84 ? 7  A   A C2    1 
ATOM   153 N N3    . A   A 1 7  ? -4.878  -5.270  3.456   1.00 22.73 ? 7  A   A N3    1 
ATOM   154 C C4    . A   A 1 7  ? -3.571  -5.496  3.672   1.00 22.21 ? 7  A   A C4    1 
ATOM   155 P P     . A   A 1 8  ? -3.467  -10.822 6.732   1.00 30.67 ? 8  A   A P     1 
ATOM   156 O OP1   . A   A 1 8  ? -3.544  -11.821 7.808   1.00 31.39 ? 8  A   A OP1   1 
ATOM   157 O OP2   . A   A 1 8  ? -2.315  -10.891 5.782   1.00 28.60 ? 8  A   A OP2   1 
ATOM   158 O "O5'" . A   A 1 8  ? -4.821  -10.957 5.853   1.00 29.87 ? 8  A   A "O5'" 1 
ATOM   159 C "C5'" . A   A 1 8  ? -4.588  -10.962 4.422   1.00 28.17 ? 8  A   A "C5'" 1 
ATOM   160 C "C4'" . A   A 1 8  ? -5.889  -10.353 3.924   1.00 27.44 ? 8  A   A "C4'" 1 
ATOM   161 O "O4'" . A   A 1 8  ? -5.691  -8.934  3.740   1.00 27.37 ? 8  A   A "O4'" 1 
ATOM   162 C "C3'" . A   A 1 8  ? -6.257  -10.915 2.557   1.00 27.17 ? 8  A   A "C3'" 1 
ATOM   163 O "O3'" . A   A 1 8  ? -7.062  -12.072 2.771   1.00 27.02 ? 8  A   A "O3'" 1 
ATOM   164 C "C2'" . A   A 1 8  ? -6.994  -9.751  1.918   1.00 26.03 ? 8  A   A "C2'" 1 
ATOM   165 O "O2'" . A   A 1 8  ? -8.267  -9.448  2.413   1.00 25.56 ? 8  A   A "O2'" 1 
ATOM   166 C "C1'" . A   A 1 8  ? -6.093  -8.626  2.421   1.00 26.27 ? 8  A   A "C1'" 1 
ATOM   167 N N9    . A   A 1 8  ? -4.840  -8.556  1.630   1.00 24.63 ? 8  A   A N9    1 
ATOM   168 C C8    . A   A 1 8  ? -3.570  -8.905  1.960   1.00 23.05 ? 8  A   A C8    1 
ATOM   169 N N7    . A   A 1 8  ? -2.763  -8.685  0.950   1.00 25.43 ? 8  A   A N7    1 
ATOM   170 C C5    . A   A 1 8  ? -3.574  -8.157  -0.068  1.00 24.56 ? 8  A   A C5    1 
ATOM   171 C C6    . A   A 1 8  ? -3.329  -7.701  -1.377  1.00 24.17 ? 8  A   A C6    1 
ATOM   172 N N6    . A   A 1 8  ? -2.092  -7.676  -1.929  1.00 22.12 ? 8  A   A N6    1 
ATOM   173 N N1    . A   A 1 8  ? -4.392  -7.279  -2.071  1.00 23.79 ? 8  A   A N1    1 
ATOM   174 C C2    . A   A 1 8  ? -5.633  -7.267  -1.549  1.00 24.85 ? 8  A   A C2    1 
ATOM   175 N N3    . A   A 1 8  ? -5.964  -7.664  -0.325  1.00 24.42 ? 8  A   A N3    1 
ATOM   176 C C4    . A   A 1 8  ? -4.864  -8.092  0.336   1.00 23.82 ? 8  A   A C4    1 
ATOM   177 P P     . G   A 1 9  ? -7.363  -13.224 1.708   1.00 25.61 ? 9  G   A P     1 
ATOM   178 O OP1   . G   A 1 9  ? -8.247  -14.248 2.302   1.00 28.45 ? 9  G   A OP1   1 
ATOM   179 O OP2   . G   A 1 9  ? -6.041  -13.629 1.230   1.00 26.78 ? 9  G   A OP2   1 
ATOM   180 O "O5'" . G   A 1 9  ? -8.254  -12.675 0.456   1.00 24.63 ? 9  G   A "O5'" 1 
ATOM   181 C "C5'" . G   A 1 9  ? -9.402  -11.893 0.833   1.00 21.83 ? 9  G   A "C5'" 1 
ATOM   182 C "C4'" . G   A 1 9  ? -9.874  -11.260 -0.468  1.00 21.49 ? 9  G   A "C4'" 1 
ATOM   183 O "O4'" . G   A 1 9  ? -9.013  -10.117 -0.765  1.00 21.38 ? 9  G   A "O4'" 1 
ATOM   184 C "C3'" . G   A 1 9  ? -9.670  -12.158 -1.680  1.00 21.56 ? 9  G   A "C3'" 1 
ATOM   185 O "O3'" . G   A 1 9  ? -10.766 -13.066 -1.879  1.00 20.96 ? 9  G   A "O3'" 1 
ATOM   186 C "C2'" . G   A 1 9  ? -9.597  -11.189 -2.840  1.00 21.43 ? 9  G   A "C2'" 1 
ATOM   187 O "O2'" . G   A 1 9  ? -10.864 -10.598 -3.129  1.00 26.00 ? 9  G   A "O2'" 1 
ATOM   188 C "C1'" . G   A 1 9  ? -8.773  -10.082 -2.173  1.00 21.56 ? 9  G   A "C1'" 1 
ATOM   189 N N9    . G   A 1 9  ? -7.317  -10.285 -2.386  1.00 17.67 ? 9  G   A N9    1 
ATOM   190 C C8    . G   A 1 9  ? -6.396  -10.799 -1.521  1.00 18.40 ? 9  G   A C8    1 
ATOM   191 N N7    . G   A 1 9  ? -5.193  -10.853 -2.041  1.00 19.03 ? 9  G   A N7    1 
ATOM   192 C C5    . G   A 1 9  ? -5.342  -10.315 -3.316  1.00 18.81 ? 9  G   A C5    1 
ATOM   193 C C6    . G   A 1 9  ? -4.419  -10.045 -4.363  1.00 17.54 ? 9  G   A C6    1 
ATOM   194 O O6    . G   A 1 9  ? -3.241  -10.270 -4.402  1.00 16.84 ? 9  G   A O6    1 
ATOM   195 N N1    . G   A 1 9  ? -5.035  -9.517  -5.517  1.00 18.42 ? 9  G   A N1    1 
ATOM   196 C C2    . G   A 1 9  ? -6.369  -9.247  -5.637  1.00 16.80 ? 9  G   A C2    1 
ATOM   197 N N2    . G   A 1 9  ? -6.827  -8.725  -6.770  1.00 18.35 ? 9  G   A N2    1 
ATOM   198 N N3    . G   A 1 9  ? -7.214  -9.452  -4.638  1.00 17.59 ? 9  G   A N3    1 
ATOM   199 C C4    . G   A 1 9  ? -6.662  -9.985  -3.533  1.00 17.34 ? 9  G   A C4    1 
ATOM   200 P P     . C   A 1 10 ? -10.565 -14.534 -2.501  1.00 19.23 ? 10 C   A P     1 
ATOM   201 O OP1   . C   A 1 10 ? -11.882 -15.222 -2.280  1.00 21.30 ? 10 C   A OP1   1 
ATOM   202 O OP2   . C   A 1 10 ? -9.380  -15.181 -1.985  1.00 17.97 ? 10 C   A OP2   1 
ATOM   203 O "O5'" . C   A 1 10 ? -10.317 -14.372 -4.096  1.00 20.43 ? 10 C   A "O5'" 1 
ATOM   204 C "C5'" . C   A 1 10 ? -11.340 -13.685 -4.849  1.00 19.77 ? 10 C   A "C5'" 1 
ATOM   205 C "C4'" . C   A 1 10 ? -10.844 -13.303 -6.217  1.00 20.18 ? 10 C   A "C4'" 1 
ATOM   206 O "O4'" . C   A 1 10 ? -9.833  -12.236 -6.108  1.00 21.37 ? 10 C   A "O4'" 1 
ATOM   207 C "C3'" . C   A 1 10 ? -10.035 -14.420 -6.891  1.00 21.99 ? 10 C   A "C3'" 1 
ATOM   208 O "O3'" . C   A 1 10 ? -10.946 -15.344 -7.471  1.00 25.75 ? 10 C   A "O3'" 1 
ATOM   209 C "C2'" . C   A 1 10 ? -9.276  -13.657 -7.965  1.00 21.56 ? 10 C   A "C2'" 1 
ATOM   210 O "O2'" . C   A 1 10 ? -10.187 -13.298 -9.014  1.00 21.54 ? 10 C   A "O2'" 1 
ATOM   211 C "C1'" . C   A 1 10 ? -8.860  -12.432 -7.122  1.00 20.62 ? 10 C   A "C1'" 1 
ATOM   212 N N1    . C   A 1 10 ? -7.579  -12.657 -6.432  1.00 20.11 ? 10 C   A N1    1 
ATOM   213 C C2    . C   A 1 10 ? -6.463  -12.440 -7.255  1.00 20.47 ? 10 C   A C2    1 
ATOM   214 O O2    . C   A 1 10 ? -6.658  -12.060 -8.413  1.00 20.93 ? 10 C   A O2    1 
ATOM   215 N N3    . C   A 1 10 ? -5.251  -12.660 -6.739  1.00 20.01 ? 10 C   A N3    1 
ATOM   216 C C4    . C   A 1 10 ? -5.113  -13.068 -5.464  1.00 19.63 ? 10 C   A C4    1 
ATOM   217 N N4    . C   A 1 10 ? -3.854  -13.217 -5.093  1.00 19.38 ? 10 C   A N4    1 
ATOM   218 C C5    . C   A 1 10 ? -6.227  -13.329 -4.612  1.00 18.47 ? 10 C   A C5    1 
ATOM   219 C C6    . C   A 1 10 ? -7.466  -13.122 -5.166  1.00 20.01 ? 10 C   A C6    1 
ATOM   220 O "O5'" . DG  B 2 1  ? 3.904   -10.559 -11.966 1.00 31.33 ? 11 DG  B "O5'" 1 
ATOM   221 C "C5'" . DG  B 2 1  ? 3.540   -10.751 -13.350 1.00 29.86 ? 11 DG  B "C5'" 1 
ATOM   222 C "C4'" . DG  B 2 1  ? 2.033   -10.586 -13.416 1.00 29.75 ? 11 DG  B "C4'" 1 
ATOM   223 O "O4'" . DG  B 2 1  ? 1.427   -11.770 -12.767 1.00 29.66 ? 11 DG  B "O4'" 1 
ATOM   224 C "C3'" . DG  B 2 1  ? 1.509   -9.530  -12.433 1.00 31.03 ? 11 DG  B "C3'" 1 
ATOM   225 O "O3'" . DG  B 2 1  ? 1.802   -8.229  -12.946 1.00 32.75 ? 11 DG  B "O3'" 1 
ATOM   226 C "C2'" . DG  B 2 1  ? 0.006   -9.842  -12.514 1.00 29.41 ? 11 DG  B "C2'" 1 
ATOM   227 C "C1'" . DG  B 2 1  ? 0.131   -11.356 -12.342 1.00 30.09 ? 11 DG  B "C1'" 1 
ATOM   228 N N9    . DG  B 2 1  ? 0.043   -11.801 -10.907 1.00 28.13 ? 11 DG  B N9    1 
ATOM   229 C C8    . DG  B 2 1  ? 1.042   -12.173 -10.058 1.00 26.67 ? 11 DG  B C8    1 
ATOM   230 N N7    . DG  B 2 1  ? 0.633   -12.501 -8.867  1.00 26.90 ? 11 DG  B N7    1 
ATOM   231 C C5    . DG  B 2 1  ? -0.750  -12.312 -8.945  1.00 26.15 ? 11 DG  B C5    1 
ATOM   232 C C6    . DG  B 2 1  ? -1.773  -12.512 -7.980  1.00 23.76 ? 11 DG  B C6    1 
ATOM   233 O O6    . DG  B 2 1  ? -1.690  -12.892 -6.844  1.00 21.78 ? 11 DG  B O6    1 
ATOM   234 N N1    . DG  B 2 1  ? -3.036  -12.162 -8.476  1.00 23.37 ? 11 DG  B N1    1 
ATOM   235 C C2    . DG  B 2 1  ? -3.281  -11.733 -9.752  1.00 24.92 ? 11 DG  B C2    1 
ATOM   236 N N2    . DG  B 2 1  ? -4.557  -11.487 -10.035 1.00 26.57 ? 11 DG  B N2    1 
ATOM   237 N N3    . DG  B 2 1  ? -2.337  -11.560 -10.686 1.00 26.09 ? 11 DG  B N3    1 
ATOM   238 C C4    . DG  B 2 1  ? -1.111  -11.856 -10.189 1.00 26.24 ? 11 DG  B C4    1 
ATOM   239 P P     . DC  B 2 2  ? 1.295   -6.839  -12.352 1.00 31.64 ? 12 DC  B P     1 
ATOM   240 O OP1   . DC  B 2 2  ? 1.587   -5.792  -13.368 1.00 34.91 ? 12 DC  B OP1   1 
ATOM   241 O OP2   . DC  B 2 2  ? 2.079   -6.745  -11.086 1.00 32.44 ? 12 DC  B OP2   1 
ATOM   242 O "O5'" . DC  B 2 2  ? -0.276  -6.802  -12.104 1.00 31.54 ? 12 DC  B "O5'" 1 
ATOM   243 C "C5'" . DC  B 2 2  ? -1.151  -6.474  -13.208 1.00 28.98 ? 12 DC  B "C5'" 1 
ATOM   244 C "C4'" . DC  B 2 2  ? -2.598  -6.495  -12.737 1.00 27.46 ? 12 DC  B "C4'" 1 
ATOM   245 O "O4'" . DC  B 2 2  ? -2.897  -7.808  -12.178 1.00 25.30 ? 12 DC  B "O4'" 1 
ATOM   246 C "C3'" . DC  B 2 2  ? -2.846  -5.643  -11.472 1.00 27.89 ? 12 DC  B "C3'" 1 
ATOM   247 O "O3'" . DC  B 2 2  ? -3.102  -4.300  -11.843 1.00 29.14 ? 12 DC  B "O3'" 1 
ATOM   248 C "C2'" . DC  B 2 2  ? -4.235  -6.201  -11.039 1.00 25.73 ? 12 DC  B "C2'" 1 
ATOM   249 C "C1'" . DC  B 2 2  ? -3.758  -7.637  -11.052 1.00 24.25 ? 12 DC  B "C1'" 1 
ATOM   250 N N1    . DC  B 2 2  ? -3.059  -8.069  -9.816  1.00 20.43 ? 12 DC  B N1    1 
ATOM   251 C C2    . DC  B 2 2  ? -3.892  -8.449  -8.764  1.00 17.65 ? 12 DC  B C2    1 
ATOM   252 O O2    . DC  B 2 2  ? -5.114  -8.331  -8.875  1.00 16.95 ? 12 DC  B O2    1 
ATOM   253 N N3    . DC  B 2 2  ? -3.309  -8.896  -7.645  1.00 16.51 ? 12 DC  B N3    1 
ATOM   254 C C4    . DC  B 2 2  ? -1.998  -8.999  -7.501  1.00 16.00 ? 12 DC  B C4    1 
ATOM   255 N N4    . DC  B 2 2  ? -1.586  -9.459  -6.339  1.00 16.12 ? 12 DC  B N4    1 
ATOM   256 C C5    . DC  B 2 2  ? -1.111  -8.662  -8.559  1.00 18.19 ? 12 DC  B C5    1 
ATOM   257 C C6    . DC  B 2 2  ? -1.724  -8.188  -9.696  1.00 21.12 ? 12 DC  B C6    1 
ATOM   258 P P     . DT  B 2 3  ? -3.041  -2.997  -10.929 1.00 31.06 ? 13 DT  B P     1 
ATOM   259 O OP1   . DT  B 2 3  ? -3.347  -1.883  -11.864 1.00 31.59 ? 13 DT  B OP1   1 
ATOM   260 O OP2   . DT  B 2 3  ? -1.725  -3.060  -10.244 1.00 28.15 ? 13 DT  B OP2   1 
ATOM   261 O "O5'" . DT  B 2 3  ? -4.259  -2.924  -9.844  1.00 30.75 ? 13 DT  B "O5'" 1 
ATOM   262 C "C5'" . DT  B 2 3  ? -5.567  -3.232  -10.369 1.00 29.60 ? 13 DT  B "C5'" 1 
ATOM   263 C "C4'" . DT  B 2 3  ? -6.469  -3.573  -9.199  1.00 27.48 ? 13 DT  B "C4'" 1 
ATOM   264 O "O4'" . DT  B 2 3  ? -5.969  -4.846  -8.666  1.00 28.36 ? 13 DT  B "O4'" 1 
ATOM   265 C "C3'" . DT  B 2 3  ? -6.157  -2.713  -7.967  1.00 28.06 ? 13 DT  B "C3'" 1 
ATOM   266 O "O3'" . DT  B 2 3  ? -6.807  -1.457  -8.014  1.00 27.38 ? 13 DT  B "O3'" 1 
ATOM   267 C "C2'" . DT  B 2 3  ? -6.854  -3.544  -6.861  1.00 27.65 ? 13 DT  B "C2'" 1 
ATOM   268 C "C1'" . DT  B 2 3  ? -6.269  -4.883  -7.263  1.00 27.05 ? 13 DT  B "C1'" 1 
ATOM   269 N N1    . DT  B 2 3  ? -4.991  -5.247  -6.595  1.00 26.38 ? 13 DT  B N1    1 
ATOM   270 C C2    . DT  B 2 3  ? -5.188  -5.731  -5.328  1.00 26.20 ? 13 DT  B C2    1 
ATOM   271 O O2    . DT  B 2 3  ? -6.281  -5.819  -4.794  1.00 28.55 ? 13 DT  B O2    1 
ATOM   272 N N3    . DT  B 2 3  ? -4.051  -6.119  -4.685  1.00 24.53 ? 13 DT  B N3    1 
ATOM   273 C C4    . DT  B 2 3  ? -2.782  -6.080  -5.179  1.00 23.71 ? 13 DT  B C4    1 
ATOM   274 O O4    . DT  B 2 3  ? -1.923  -6.504  -4.415  1.00 22.53 ? 13 DT  B O4    1 
ATOM   275 C C5    . DT  B 2 3  ? -2.675  -5.539  -6.516  1.00 24.85 ? 13 DT  B C5    1 
ATOM   276 C C7    . DT  B 2 3  ? -1.289  -5.468  -7.107  1.00 24.19 ? 13 DT  B C7    1 
ATOM   277 C C6    . DT  B 2 3  ? -3.767  -5.143  -7.195  1.00 24.27 ? 13 DT  B C6    1 
ATOM   278 P P     . DT  B 2 4  ? -6.573  -0.220  -7.035  1.00 26.34 ? 14 DT  B P     1 
ATOM   279 O OP1   . DT  B 2 4  ? -7.048  0.943   -7.814  1.00 29.01 ? 14 DT  B OP1   1 
ATOM   280 O OP2   . DT  B 2 4  ? -5.143  -0.132  -6.647  1.00 24.91 ? 14 DT  B OP2   1 
ATOM   281 O "O5'" . DT  B 2 4  ? -7.444  -0.396  -5.687  1.00 26.31 ? 14 DT  B "O5'" 1 
ATOM   282 C "C5'" . DT  B 2 4  ? -8.796  -0.853  -5.685  1.00 25.49 ? 14 DT  B "C5'" 1 
ATOM   283 C "C4'" . DT  B 2 4  ? -9.163  -1.261  -4.258  1.00 25.44 ? 14 DT  B "C4'" 1 
ATOM   284 O "O4'" . DT  B 2 4  ? -8.505  -2.522  -3.905  1.00 25.32 ? 14 DT  B "O4'" 1 
ATOM   285 C "C3'" . DT  B 2 4  ? -8.632  -0.349  -3.165  1.00 24.77 ? 14 DT  B "C3'" 1 
ATOM   286 O "O3'" . DT  B 2 4  ? -9.344  0.853   -2.949  1.00 23.63 ? 14 DT  B "O3'" 1 
ATOM   287 C "C2'" . DT  B 2 4  ? -8.675  -1.209  -1.897  1.00 24.86 ? 14 DT  B "C2'" 1 
ATOM   288 C "C1'" . DT  B 2 4  ? -8.289  -2.565  -2.482  1.00 24.40 ? 14 DT  B "C1'" 1 
ATOM   289 N N1    . DT  B 2 4  ? -6.863  -2.921  -2.358  1.00 23.26 ? 14 DT  B N1    1 
ATOM   290 C C2    . DT  B 2 4  ? -6.470  -3.619  -1.251  1.00 23.18 ? 14 DT  B C2    1 
ATOM   291 O O2    . DT  B 2 4  ? -7.228  -3.909  -0.349  1.00 23.02 ? 14 DT  B O2    1 
ATOM   292 N N3    . DT  B 2 4  ? -5.129  -3.939  -1.189  1.00 22.27 ? 14 DT  B N3    1 
ATOM   293 C C4    . DT  B 2 4  ? -4.177  -3.615  -2.127  1.00 23.04 ? 14 DT  B C4    1 
ATOM   294 O O4    . DT  B 2 4  ? -2.987  -3.962  -1.990  1.00 21.80 ? 14 DT  B O4    1 
ATOM   295 C C5    . DT  B 2 4  ? -4.681  -2.852  -3.259  1.00 23.16 ? 14 DT  B C5    1 
ATOM   296 C C7    . DT  B 2 4  ? -3.676  -2.487  -4.323  1.00 20.47 ? 14 DT  B C7    1 
ATOM   297 C C6    . DT  B 2 4  ? -5.991  -2.527  -3.346  1.00 23.28 ? 14 DT  B C6    1 
ATOM   298 P P     . DC  B 2 5  ? -8.829  2.063   -2.000  1.00 23.93 ? 15 DC  B P     1 
ATOM   299 O OP1   . DC  B 2 5  ? -9.889  3.068   -2.151  1.00 25.80 ? 15 DC  B OP1   1 
ATOM   300 O OP2   . DC  B 2 5  ? -7.444  2.362   -2.391  1.00 24.60 ? 15 DC  B OP2   1 
ATOM   301 O "O5'" . DC  B 2 5  ? -8.712  1.690   -0.438  1.00 24.65 ? 15 DC  B "O5'" 1 
ATOM   302 C "C5'" . DC  B 2 5  ? -9.932  1.265   0.224   1.00 23.78 ? 15 DC  B "C5'" 1 
ATOM   303 C "C4'" . DC  B 2 5  ? -9.558  0.729   1.609   1.00 22.19 ? 15 DC  B "C4'" 1 
ATOM   304 O "O4'" . DC  B 2 5  ? -8.707  -0.442  1.463   1.00 22.88 ? 15 DC  B "O4'" 1 
ATOM   305 C "C3'" . DC  B 2 5  ? -8.502  1.649   2.257   1.00 22.53 ? 15 DC  B "C3'" 1 
ATOM   306 O "O3'" . DC  B 2 5  ? -9.194  2.771   2.785   1.00 23.64 ? 15 DC  B "O3'" 1 
ATOM   307 C "C2'" . DC  B 2 5  ? -7.913  0.767   3.360   1.00 21.62 ? 15 DC  B "C2'" 1 
ATOM   308 C "C1'" . DC  B 2 5  ? -7.736  -0.476  2.520   1.00 21.92 ? 15 DC  B "C1'" 1 
ATOM   309 N N1    . DC  B 2 5  ? -6.405  -0.647  1.878   1.00 21.87 ? 15 DC  B N1    1 
ATOM   310 C C2    . DC  B 2 5  ? -5.433  -1.172  2.714   1.00 22.27 ? 15 DC  B C2    1 
ATOM   311 O O2    . DC  B 2 5  ? -5.746  -1.416  3.899   1.00 26.13 ? 15 DC  B O2    1 
ATOM   312 N N3    . DC  B 2 5  ? -4.224  -1.410  2.207   1.00 20.60 ? 15 DC  B N3    1 
ATOM   313 C C4    . DC  B 2 5  ? -3.946  -1.119  0.932   1.00 20.41 ? 15 DC  B C4    1 
ATOM   314 N N4    . DC  B 2 5  ? -2.707  -1.420  0.561   1.00 20.21 ? 15 DC  B N4    1 
ATOM   315 C C5    . DC  B 2 5  ? -4.912  -0.594  0.040   1.00 19.79 ? 15 DC  B C5    1 
ATOM   316 C C6    . DC  B 2 5  ? -6.147  -0.376  0.574   1.00 21.53 ? 15 DC  B C6    1 
ATOM   317 P P     . DT  B 2 6  ? -8.463  4.126   3.269   1.00 22.02 ? 16 DT  B P     1 
ATOM   318 O OP1   . DT  B 2 6  ? -9.466  5.158   3.572   1.00 26.14 ? 16 DT  B OP1   1 
ATOM   319 O OP2   . DT  B 2 6  ? -7.521  4.430   2.213   1.00 24.52 ? 16 DT  B OP2   1 
ATOM   320 O "O5'" . DT  B 2 6  ? -7.669  3.681   4.599   1.00 25.37 ? 16 DT  B "O5'" 1 
ATOM   321 C "C5'" . DT  B 2 6  ? -8.344  3.615   5.866   1.00 23.94 ? 16 DT  B "C5'" 1 
ATOM   322 C "C4'" . DT  B 2 6  ? -7.321  3.189   6.897   1.00 24.33 ? 16 DT  B "C4'" 1 
ATOM   323 O "O4'" . DT  B 2 6  ? -6.567  2.034   6.412   1.00 25.74 ? 16 DT  B "O4'" 1 
ATOM   324 C "C3'" . DT  B 2 6  ? -6.107  4.147   7.029   1.00 25.25 ? 16 DT  B "C3'" 1 
ATOM   325 O "O3'" . DT  B 2 6  ? -6.540  5.261   7.839   1.00 25.89 ? 16 DT  B "O3'" 1 
ATOM   326 C "C2'" . DT  B 2 6  ? -5.134  3.309   7.872   1.00 24.24 ? 16 DT  B "C2'" 1 
ATOM   327 C "C1'" . DT  B 2 6  ? -5.256  2.036   7.052   1.00 24.71 ? 16 DT  B "C1'" 1 
ATOM   328 N N1    . DT  B 2 6  ? -4.288  1.878   5.921   1.00 22.54 ? 16 DT  B N1    1 
ATOM   329 C C2    . DT  B 2 6  ? -3.057  1.350   6.206   1.00 21.68 ? 16 DT  B C2    1 
ATOM   330 O O2    . DT  B 2 6  ? -2.728  1.077   7.349   1.00 22.40 ? 16 DT  B O2    1 
ATOM   331 N N3    . DT  B 2 6  ? -2.242  1.152   5.118   1.00 20.82 ? 16 DT  B N3    1 
ATOM   332 C C4    . DT  B 2 6  ? -2.547  1.472   3.799   1.00 19.42 ? 16 DT  B C4    1 
ATOM   333 O O4    . DT  B 2 6  ? -1.695  1.258   2.927   1.00 19.36 ? 16 DT  B O4    1 
ATOM   334 C C5    . DT  B 2 6  ? -3.859  2.009   3.615   1.00 18.34 ? 16 DT  B C5    1 
ATOM   335 C C7    . DT  B 2 6  ? -4.338  2.437   2.266   1.00 16.07 ? 16 DT  B C7    1 
ATOM   336 C C6    . DT  B 2 6  ? -4.693  2.183   4.660   1.00 19.61 ? 16 DT  B C6    1 
ATOM   337 P P     . DC  B 2 7  ? -6.038  6.731   7.457   1.00 27.88 ? 17 DC  B P     1 
ATOM   338 O OP1   . DC  B 2 7  ? -6.920  7.611   8.315   1.00 28.14 ? 17 DC  B OP1   1 
ATOM   339 O OP2   . DC  B 2 7  ? -6.297  6.972   6.013   1.00 25.87 ? 17 DC  B OP2   1 
ATOM   340 O "O5'" . DC  B 2 7  ? -4.447  6.855   7.771   1.00 24.78 ? 17 DC  B "O5'" 1 
ATOM   341 C "C5'" . DC  B 2 7  ? -4.009  6.463   9.067   1.00 24.42 ? 17 DC  B "C5'" 1 
ATOM   342 C "C4'" . DC  B 2 7  ? -2.536  6.104   9.135   1.00 25.01 ? 17 DC  B "C4'" 1 
ATOM   343 O "O4'" . DC  B 2 7  ? -2.319  4.987   8.193   1.00 25.26 ? 17 DC  B "O4'" 1 
ATOM   344 C "C3'" . DC  B 2 7  ? -1.553  7.116   8.576   1.00 23.53 ? 17 DC  B "C3'" 1 
ATOM   345 O "O3'" . DC  B 2 7  ? -1.452  8.351   9.206   1.00 22.08 ? 17 DC  B "O3'" 1 
ATOM   346 C "C2'" . DC  B 2 7  ? -0.336  6.285   8.255   1.00 23.65 ? 17 DC  B "C2'" 1 
ATOM   347 C "C1'" . DC  B 2 7  ? -0.964  4.952   7.808   1.00 22.72 ? 17 DC  B "C1'" 1 
ATOM   348 N N1    . DC  B 2 7  ? -0.998  4.797   6.330   1.00 21.32 ? 17 DC  B N1    1 
ATOM   349 C C2    . DC  B 2 7  ? 0.251   4.420   5.838   1.00 19.58 ? 17 DC  B C2    1 
ATOM   350 O O2    . DC  B 2 7  ? 1.157   4.234   6.644   1.00 19.63 ? 17 DC  B O2    1 
ATOM   351 N N3    . DC  B 2 7  ? 0.358   4.235   4.524   1.00 20.08 ? 17 DC  B N3    1 
ATOM   352 C C4    . DC  B 2 7  ? -0.656  4.479   3.666   1.00 18.97 ? 17 DC  B C4    1 
ATOM   353 N N4    . DC  B 2 7  ? -0.270  4.239   2.419   1.00 15.50 ? 17 DC  B N4    1 
ATOM   354 C C5    . DC  B 2 7  ? -1.948  4.877   4.136   1.00 18.45 ? 17 DC  B C5    1 
ATOM   355 C C6    . DC  B 2 7  ? -2.065  5.025   5.512   1.00 20.58 ? 17 DC  B C6    1 
ATOM   356 P P     . DT  B 2 8  ? -0.646  9.683   8.822   1.00 23.40 ? 18 DT  B P     1 
ATOM   357 O OP1   . DT  B 2 8  ? -0.863  10.723  9.860   1.00 24.59 ? 18 DT  B OP1   1 
ATOM   358 O OP2   . DT  B 2 8  ? -1.089  10.170  7.482   1.00 22.75 ? 18 DT  B OP2   1 
ATOM   359 O "O5'" . DT  B 2 8  ? 0.938   9.358   8.653   1.00 20.15 ? 18 DT  B "O5'" 1 
ATOM   360 C "C5'" . DT  B 2 8  ? 1.642   8.760   9.728   1.00 17.91 ? 18 DT  B "C5'" 1 
ATOM   361 C "C4'" . DT  B 2 8  ? 2.974   8.259   9.248   1.00 19.47 ? 18 DT  B "C4'" 1 
ATOM   362 O "O4'" . DT  B 2 8  ? 2.841   7.265   8.194   1.00 20.39 ? 18 DT  B "O4'" 1 
ATOM   363 C "C3'" . DT  B 2 8  ? 3.759   9.356   8.478   1.00 19.76 ? 18 DT  B "C3'" 1 
ATOM   364 O "O3'" . DT  B 2 8  ? 4.392   10.165  9.456   1.00 19.61 ? 18 DT  B "O3'" 1 
ATOM   365 C "C2'" . DT  B 2 8  ? 4.803   8.510   7.773   1.00 18.25 ? 18 DT  B "C2'" 1 
ATOM   366 C "C1'" . DT  B 2 8  ? 3.953   7.377   7.289   1.00 18.91 ? 18 DT  B "C1'" 1 
ATOM   367 N N1    . DT  B 2 8  ? 3.326   7.419   5.942   1.00 20.09 ? 18 DT  B N1    1 
ATOM   368 C C2    . DT  B 2 8  ? 4.148   7.132   4.876   1.00 20.82 ? 18 DT  B C2    1 
ATOM   369 O O2    . DT  B 2 8  ? 5.334   6.884   4.941   1.00 21.11 ? 18 DT  B O2    1 
ATOM   370 N N3    . DT  B 2 8  ? 3.550   7.102   3.631   1.00 21.14 ? 18 DT  B N3    1 
ATOM   371 C C4    . DT  B 2 8  ? 2.236   7.364   3.376   1.00 21.20 ? 18 DT  B C4    1 
ATOM   372 O O4    . DT  B 2 8  ? 1.812   7.306   2.227   1.00 22.89 ? 18 DT  B O4    1 
ATOM   373 C C5    . DT  B 2 8  ? 1.444   7.695   4.545   1.00 20.18 ? 18 DT  B C5    1 
ATOM   374 C C7    . DT  B 2 8  ? -0.003  7.969   4.247   1.00 18.38 ? 18 DT  B C7    1 
ATOM   375 C C6    . DT  B 2 8  ? 1.990   7.693   5.776   1.00 19.09 ? 18 DT  B C6    1 
ATOM   376 P P     . DT  B 2 9  ? 5.008   11.614  9.375   1.00 21.90 ? 19 DT  B P     1 
ATOM   377 O OP1   . DT  B 2 9  ? 5.256   12.063  10.768  1.00 23.02 ? 19 DT  B OP1   1 
ATOM   378 O OP2   . DT  B 2 9  ? 4.055   12.501  8.670   1.00 22.35 ? 19 DT  B OP2   1 
ATOM   379 O "O5'" . DT  B 2 9  ? 6.398   11.560  8.533   1.00 22.91 ? 19 DT  B "O5'" 1 
ATOM   380 C "C5'" . DT  B 2 9  ? 7.325   10.514  8.771   1.00 25.58 ? 19 DT  B "C5'" 1 
ATOM   381 C "C4'" . DT  B 2 9  ? 8.262   10.385  7.563   1.00 28.91 ? 19 DT  B "C4'" 1 
ATOM   382 O "O4'" . DT  B 2 9  ? 7.608   9.577   6.528   1.00 28.53 ? 19 DT  B "O4'" 1 
ATOM   383 C "C3'" . DT  B 2 9  ? 8.454   11.750  6.864   1.00 29.58 ? 19 DT  B "C3'" 1 
ATOM   384 O "O3'" . DT  B 2 9  ? 9.627   12.358  7.413   1.00 29.25 ? 19 DT  B "O3'" 1 
ATOM   385 C "C2'" . DT  B 2 9  ? 8.775   11.350  5.424   1.00 28.96 ? 19 DT  B "C2'" 1 
ATOM   386 C "C1'" . DT  B 2 9  ? 7.960   10.101  5.243   1.00 27.55 ? 19 DT  B "C1'" 1 
ATOM   387 N N1    . DT  B 2 9  ? 6.639   10.275  4.578   1.00 24.70 ? 19 DT  B N1    1 
ATOM   388 C C2    . DT  B 2 9  ? 6.678   9.874   3.240   1.00 23.51 ? 19 DT  B C2    1 
ATOM   389 O O2    . DT  B 2 9  ? 7.781   9.512   2.880   1.00 22.68 ? 19 DT  B O2    1 
ATOM   390 N N3    . DT  B 2 9  ? 5.503   9.929   2.531   1.00 20.10 ? 19 DT  B N3    1 
ATOM   391 C C4    . DT  B 2 9  ? 4.301   10.333  3.101   1.00 19.97 ? 19 DT  B C4    1 
ATOM   392 O O4    . DT  B 2 9  ? 3.293   10.329  2.382   1.00 18.44 ? 19 DT  B O4    1 
ATOM   393 C C5    . DT  B 2 9  ? 4.373   10.735  4.484   1.00 21.34 ? 19 DT  B C5    1 
ATOM   394 C C7    . DT  B 2 9  ? 3.161   11.226  5.235   1.00 18.68 ? 19 DT  B C7    1 
ATOM   395 C C6    . DT  B 2 9  ? 5.532   10.680  5.204   1.00 22.11 ? 19 DT  B C6    1 
ATOM   396 P P     . DC  B 2 10 ? 10.248  13.793  6.923   1.00 29.17 ? 20 DC  B P     1 
ATOM   397 O OP1   . DC  B 2 10 ? 11.547  13.885  7.624   1.00 27.37 ? 20 DC  B OP1   1 
ATOM   398 O OP2   . DC  B 2 10 ? 9.129   14.718  7.113   1.00 26.94 ? 20 DC  B OP2   1 
ATOM   399 O "O5'" . DC  B 2 10 ? 10.541  13.683  5.315   1.00 27.30 ? 20 DC  B "O5'" 1 
ATOM   400 C "C5'" . DC  B 2 10 ? 11.616  12.889  4.783   1.00 23.15 ? 20 DC  B "C5'" 1 
ATOM   401 C "C4'" . DC  B 2 10 ? 11.706  13.233  3.306   1.00 22.65 ? 20 DC  B "C4'" 1 
ATOM   402 O "O4'" . DC  B 2 10 ? 10.619  12.702  2.514   1.00 21.35 ? 20 DC  B "O4'" 1 
ATOM   403 C "C3'" . DC  B 2 10 ? 11.718  14.740  2.965   1.00 22.17 ? 20 DC  B "C3'" 1 
ATOM   404 O "O3'" . DC  B 2 10 ? 12.718  14.863  1.935   1.00 20.87 ? 20 DC  B "O3'" 1 
ATOM   405 C "C2'" . DC  B 2 10 ? 10.339  14.999  2.357   1.00 21.25 ? 20 DC  B "C2'" 1 
ATOM   406 C "C1'" . DC  B 2 10 ? 9.954   13.645  1.746   1.00 20.04 ? 20 DC  B "C1'" 1 
ATOM   407 N N1    . DC  B 2 10 ? 8.469   13.450  1.740   1.00 20.56 ? 20 DC  B N1    1 
ATOM   408 C C2    . DC  B 2 10 ? 7.871   13.092  0.521   1.00 19.65 ? 20 DC  B C2    1 
ATOM   409 O O2    . DC  B 2 10 ? 8.585   12.918  -0.476  1.00 19.80 ? 20 DC  B O2    1 
ATOM   410 N N3    . DC  B 2 10 ? 6.526   12.975  0.457   1.00 18.77 ? 20 DC  B N3    1 
ATOM   411 C C4    . DC  B 2 10 ? 5.773   13.176  1.555   1.00 16.09 ? 20 DC  B C4    1 
ATOM   412 N N4    . DC  B 2 10 ? 4.467   13.032  1.425   1.00 11.97 ? 20 DC  B N4    1 
ATOM   413 C C5    . DC  B 2 10 ? 6.371   13.530  2.801   1.00 15.47 ? 20 DC  B C5    1 
ATOM   414 C C6    . DC  B 2 10 ? 7.709   13.670  2.842   1.00 16.83 ? 20 DC  B C6    1 
HETATM 415 O O     . HOH C 3 .  ? -13.146 -14.084 0.084   1.00 33.65 ? 23 HOH A O     1 
HETATM 416 O O     . HOH C 3 .  ? 10.387  10.198  -1.287  1.00 47.81 ? 24 HOH A O     1 
HETATM 417 O O     . HOH C 3 .  ? 4.912   5.611   -5.401  1.00 54.10 ? 25 HOH A O     1 
HETATM 418 O O     . HOH C 3 .  ? -9.982  -16.486 1.602   1.00 73.16 ? 27 HOH A O     1 
HETATM 419 O O     . HOH C 3 .  ? 5.382   8.237   -12.035 1.00 47.91 ? 29 HOH A O     1 
HETATM 420 O O     . HOH D 3 .  ? -0.875  13.015  9.504   1.00 49.15 ? 21 HOH B O     1 
HETATM 421 O O     . HOH D 3 .  ? 0.296   10.764  1.580   1.00 47.55 ? 22 HOH B O     1 
HETATM 422 O O     . HOH D 3 .  ? -2.287  -2.890  -14.705 1.00 48.07 ? 26 HOH B O     1 
HETATM 423 O O     . HOH D 3 .  ? 13.124  16.397  7.270   1.00 44.18 ? 28 HOH B O     1 
# 
